data_5O56
#
_entry.id   5O56
#
_cell.length_a   128.548
_cell.length_b   128.548
_cell.length_c   116.141
_cell.angle_alpha   90.00
_cell.angle_beta   90.00
_cell.angle_gamma   90.00
#
_symmetry.space_group_name_H-M   'P 43 21 2'
#
loop_
_entity.id
_entity.type
_entity.pdbx_description
1 polymer 'Glycogen phosphorylase, muscle form'
2 non-polymer "PYRIDOXAL-5'-PHOSPHATE"
3 non-polymer (2~{R},3~{S},4~{R},5~{R},6~{R})-5-azanyl-2-(hydroxymethyl)-6-(3-naphthalen-2-yl-1~{H}-1,2,4-triazol-5-yl)oxane-3,4-diol
4 water water
#
_entity_poly.entity_id   1
_entity_poly.type   'polypeptide(L)'
_entity_poly.pdbx_seq_one_letter_code
;MSRPLSDQEKRKQISVRGLAGVENVTELKKNFNRHLHFTLVKDRNVATPRDYYFALAHTVRDHLVGRWIRTQQHYYEKDP
KRIYYLSLEFYMGRTLQNTMVNLALENACDEATYQLGLDMEELEEIEEDAGLGNGGLGRLAACFLDSMATLGLAAYGYGI
RYEFGIFNQKICGGWQMEEADDWLRYGNPWEKARPEFTLPVHFYGRVEHTSQGAKWVDTQVVLAMPYDTPVPGYRNNVVN
TMRLWSAKAPNDFNLKDFNVGGYIQAVLDRNLAENISRVLYPNDNFFEGKELRLKQEYFVVAATLQDIIRRFKSSKFGCR
DPVRTNFDAFPDKVAIQLNDTHPSLAIPELMRVLVDLERLDWDKAWEVTVKTCAYTNHTVLPEALERWPVHLLETLLPRH
LQIIYEINQRFLNRVAAAFPGDVDRLRRMSLVEEGAVKRINMAHLCIAGSHAVNGVARIHSEILKKTIFKDFYELEPHKF
QNKTNGITPRRWLVLCNPGLAEIIAERIGEEYISDLDQLRKLLSYVDDEAFIRDVAKVKQENKLKFAAYLEREYKVHINP
NSLFDVQVKRIHEYKRQLLNCLHVITLYNRIKKEPNKFVVPRTVMIGGKAAPGYHMAKMIIKLITAIGDVVNHDPVVGDR
LRVIFLENYRVSLAEKVIPAADLSEQISTAGTEASGTGNMKFMLNGALTIGTMDGANVEMAEEAGEENFFIFGMRVEDVD
RLDQRGYNAQEYYDRIPELRQIIEQLSSGFFSPKQPDLFKDIVNMLMHHDRFKVFADYEEYVKCQERVSALYKNPREWTR
MVIRNIATSGKFSSDRTIAQYAREIWGVEPSRQRLPAPDEKIP
;
_entity_poly.pdbx_strand_id   A
#
loop_
_chem_comp.id
_chem_comp.type
_chem_comp.name
_chem_comp.formula
9L8 non-polymer (2~{R},3~{S},4~{R},5~{R},6~{R})-5-azanyl-2-(hydroxymethyl)-6-(3-naphthalen-2-yl-1~{H}-1,2,4-triazol-5-yl)oxane-3,4-diol 'C18 H20 N4 O4'
PLP non-polymer PYRIDOXAL-5'-PHOSPHATE 'C8 H10 N O6 P'
#
# COMPACT_ATOMS: atom_id res chain seq x y z
N GLN A 13 -28.98 11.12 -8.03
CA GLN A 13 -29.38 11.90 -6.78
C GLN A 13 -28.36 12.98 -6.21
N ILE A 14 -27.06 12.67 -6.01
CA ILE A 14 -26.00 13.66 -5.58
C ILE A 14 -25.08 14.19 -6.72
N SER A 15 -24.66 15.44 -6.67
CA SER A 15 -24.16 16.11 -7.87
C SER A 15 -22.71 15.78 -8.37
N VAL A 16 -21.77 15.55 -7.44
CA VAL A 16 -20.44 14.95 -7.75
C VAL A 16 -20.52 13.57 -8.46
N ARG A 17 -21.66 12.88 -8.40
CA ARG A 17 -21.88 11.60 -9.16
C ARG A 17 -22.21 11.73 -10.70
N GLY A 18 -22.17 12.97 -11.18
CA GLY A 18 -22.28 13.33 -12.62
C GLY A 18 -23.71 13.41 -13.09
N LEU A 19 -23.92 13.50 -14.40
CA LEU A 19 -25.29 13.63 -14.97
C LEU A 19 -25.94 12.29 -15.25
N ALA A 20 -27.24 12.26 -15.13
CA ALA A 20 -27.97 11.09 -15.51
C ALA A 20 -28.89 11.51 -16.65
N GLY A 21 -28.29 11.83 -17.82
CA GLY A 21 -29.02 12.12 -19.09
C GLY A 21 -29.93 11.06 -19.69
N VAL A 22 -31.13 11.41 -20.17
CA VAL A 22 -32.11 10.42 -20.64
C VAL A 22 -31.56 9.48 -21.69
N GLU A 23 -30.69 10.02 -22.57
CA GLU A 23 -29.94 9.19 -23.56
C GLU A 23 -28.92 8.21 -22.97
N ASN A 24 -28.08 8.71 -22.10
CA ASN A 24 -27.21 7.84 -21.37
C ASN A 24 -27.89 6.73 -20.67
N VAL A 25 -28.93 7.03 -19.93
CA VAL A 25 -29.58 6.02 -19.12
C VAL A 25 -30.14 4.90 -20.03
N THR A 26 -30.87 5.31 -21.06
CA THR A 26 -31.45 4.46 -22.09
C THR A 26 -30.37 3.59 -22.73
N GLU A 27 -29.26 4.20 -23.07
CA GLU A 27 -28.13 3.47 -23.60
C GLU A 27 -27.50 2.45 -22.61
N LEU A 28 -27.25 2.80 -21.35
CA LEU A 28 -26.73 1.89 -20.40
C LEU A 28 -27.65 0.69 -20.26
N LYS A 29 -28.98 0.91 -20.10
CA LYS A 29 -29.92 -0.22 -19.98
C LYS A 29 -29.87 -1.17 -21.20
N LYS A 30 -29.90 -0.59 -22.37
CA LYS A 30 -29.85 -1.33 -23.59
C LYS A 30 -28.61 -2.26 -23.61
N ASN A 31 -27.42 -1.74 -23.29
CA ASN A 31 -26.19 -2.49 -23.21
C ASN A 31 -26.14 -3.45 -22.06
N PHE A 32 -26.74 -3.12 -20.92
CA PHE A 32 -26.81 -4.03 -19.80
C PHE A 32 -27.56 -5.32 -20.23
N ASN A 33 -28.77 -5.20 -20.81
CA ASN A 33 -29.48 -6.34 -21.38
C ASN A 33 -28.73 -7.04 -22.52
N ARG A 34 -28.06 -6.30 -23.38
CA ARG A 34 -27.18 -6.94 -24.36
C ARG A 34 -26.10 -7.85 -23.72
N HIS A 35 -25.29 -7.34 -22.81
CA HIS A 35 -24.33 -8.22 -22.19
C HIS A 35 -24.93 -9.44 -21.41
N LEU A 36 -26.07 -9.26 -20.75
CA LEU A 36 -26.69 -10.34 -20.01
C LEU A 36 -27.06 -11.55 -20.95
N HIS A 37 -27.65 -11.25 -22.13
CA HIS A 37 -28.03 -12.19 -23.16
C HIS A 37 -26.71 -12.72 -23.82
N PHE A 38 -25.86 -11.85 -24.32
CA PHE A 38 -24.82 -12.26 -25.22
C PHE A 38 -23.53 -12.67 -24.51
N THR A 39 -23.03 -11.84 -23.58
CA THR A 39 -21.82 -12.18 -22.85
C THR A 39 -22.04 -13.27 -21.80
N LEU A 40 -23.11 -13.12 -21.03
CA LEU A 40 -23.38 -13.96 -19.91
C LEU A 40 -24.23 -15.19 -20.26
N VAL A 41 -24.91 -15.17 -21.39
CA VAL A 41 -25.78 -16.27 -21.79
C VAL A 41 -26.72 -16.63 -20.64
N LYS A 42 -27.53 -15.68 -20.24
CA LYS A 42 -28.50 -15.89 -19.18
C LYS A 42 -29.73 -15.16 -19.65
N ASP A 43 -30.92 -15.54 -19.19
CA ASP A 43 -32.07 -14.62 -19.33
C ASP A 43 -32.41 -14.09 -17.95
N ARG A 44 -33.28 -13.10 -17.94
CA ARG A 44 -33.77 -12.44 -16.75
C ARG A 44 -34.31 -13.40 -15.65
N ASN A 45 -34.80 -14.60 -15.95
CA ASN A 45 -35.37 -15.54 -14.93
C ASN A 45 -34.39 -16.42 -14.20
N VAL A 46 -33.16 -16.44 -14.64
CA VAL A 46 -32.22 -17.36 -14.04
C VAL A 46 -31.01 -16.62 -13.49
N ALA A 47 -30.95 -15.34 -13.75
CA ALA A 47 -29.81 -14.53 -13.36
C ALA A 47 -29.65 -14.36 -11.85
N THR A 48 -28.42 -14.51 -11.39
CA THR A 48 -28.13 -14.33 -9.99
C THR A 48 -27.61 -12.90 -9.79
N PRO A 49 -27.61 -12.35 -8.55
CA PRO A 49 -26.85 -11.08 -8.53
C PRO A 49 -25.44 -11.06 -9.10
N ARG A 50 -24.73 -12.21 -9.08
CA ARG A 50 -23.39 -12.24 -9.63
C ARG A 50 -23.47 -11.92 -11.12
N ASP A 51 -24.47 -12.49 -11.81
CA ASP A 51 -24.71 -12.17 -13.20
C ASP A 51 -24.99 -10.68 -13.43
N TYR A 52 -25.78 -10.06 -12.58
CA TYR A 52 -26.07 -8.64 -12.73
C TYR A 52 -24.84 -7.78 -12.52
N TYR A 53 -23.98 -8.12 -11.55
CA TYR A 53 -22.71 -7.44 -11.39
C TYR A 53 -21.90 -7.54 -12.68
N PHE A 54 -21.93 -8.72 -13.28
CA PHE A 54 -21.16 -8.91 -14.46
C PHE A 54 -21.63 -8.12 -15.66
N ALA A 55 -22.94 -8.06 -15.87
CA ALA A 55 -23.44 -7.36 -16.99
C ALA A 55 -23.12 -5.83 -16.76
N LEU A 56 -23.35 -5.33 -15.56
CA LEU A 56 -22.96 -3.99 -15.29
C LEU A 56 -21.45 -3.82 -15.53
N ALA A 57 -20.60 -4.73 -15.04
CA ALA A 57 -19.13 -4.59 -15.30
C ALA A 57 -18.78 -4.53 -16.81
N HIS A 58 -19.37 -5.40 -17.64
CA HIS A 58 -19.06 -5.30 -19.09
C HIS A 58 -19.58 -4.00 -19.75
N THR A 59 -20.65 -3.43 -19.21
CA THR A 59 -21.27 -2.24 -19.73
C THR A 59 -20.36 -1.01 -19.44
N VAL A 60 -19.85 -0.93 -18.20
CA VAL A 60 -18.90 0.11 -17.85
C VAL A 60 -17.57 -0.12 -18.65
N ARG A 61 -17.07 -1.36 -18.75
CA ARG A 61 -15.80 -1.61 -19.46
CA ARG A 61 -15.84 -1.73 -19.51
C ARG A 61 -15.96 -1.15 -20.89
N ASP A 62 -17.13 -1.28 -21.49
CA ASP A 62 -17.34 -0.74 -22.80
C ASP A 62 -16.98 0.80 -22.94
N HIS A 63 -17.31 1.63 -21.95
CA HIS A 63 -16.97 3.06 -21.99
C HIS A 63 -15.44 3.39 -21.95
N LEU A 64 -14.61 2.44 -21.45
CA LEU A 64 -13.17 2.61 -21.34
C LEU A 64 -12.43 2.40 -22.65
N VAL A 65 -13.04 1.68 -23.57
CA VAL A 65 -12.33 1.01 -24.64
C VAL A 65 -11.78 2.03 -25.69
N GLY A 66 -12.67 2.84 -26.24
CA GLY A 66 -12.27 3.81 -27.22
C GLY A 66 -11.24 4.72 -26.59
N ARG A 67 -11.45 5.10 -25.32
CA ARG A 67 -10.49 5.95 -24.61
C ARG A 67 -9.11 5.31 -24.45
N TRP A 68 -9.08 4.04 -24.08
CA TRP A 68 -7.87 3.28 -23.99
C TRP A 68 -7.08 3.16 -25.29
N ILE A 69 -7.74 2.82 -26.38
CA ILE A 69 -7.16 2.73 -27.74
C ILE A 69 -6.64 4.11 -28.16
N ARG A 70 -7.43 5.17 -27.94
CA ARG A 70 -7.04 6.48 -28.33
C ARG A 70 -5.84 7.00 -27.54
N THR A 71 -5.75 6.65 -26.25
CA THR A 71 -4.64 7.08 -25.43
C THR A 71 -3.32 6.43 -25.86
N GLN A 72 -3.35 5.09 -26.05
CA GLN A 72 -2.21 4.30 -26.53
C GLN A 72 -1.77 4.78 -27.90
N GLN A 73 -2.74 5.10 -28.74
CA GLN A 73 -2.52 5.75 -30.03
C GLN A 73 -1.75 7.05 -29.84
N HIS A 74 -2.28 7.95 -29.04
CA HIS A 74 -1.72 9.27 -28.92
C HIS A 74 -0.31 9.16 -28.41
N TYR A 75 0.01 8.21 -27.54
CA TYR A 75 1.40 8.14 -27.07
C TYR A 75 2.38 7.70 -28.16
N TYR A 76 1.88 6.87 -29.07
CA TYR A 76 2.68 6.48 -30.22
C TYR A 76 3.00 7.66 -31.15
N GLU A 77 2.04 8.53 -31.38
CA GLU A 77 2.21 9.68 -32.24
C GLU A 77 2.87 10.84 -31.56
N LYS A 78 2.54 11.16 -30.32
CA LYS A 78 3.27 12.22 -29.64
C LYS A 78 4.67 11.75 -29.20
N ASP A 79 4.88 10.45 -29.02
CA ASP A 79 6.15 9.92 -28.46
C ASP A 79 6.73 10.63 -27.22
N PRO A 80 5.89 10.86 -26.17
CA PRO A 80 6.48 11.54 -24.99
C PRO A 80 7.48 10.61 -24.28
N LYS A 81 8.20 11.11 -23.31
CA LYS A 81 9.01 10.25 -22.44
C LYS A 81 8.04 9.30 -21.65
N ARG A 82 8.40 8.02 -21.56
CA ARG A 82 7.53 7.04 -20.94
C ARG A 82 8.01 6.68 -19.51
N ILE A 83 7.12 6.62 -18.52
CA ILE A 83 7.48 6.21 -17.12
C ILE A 83 7.06 4.76 -16.88
N TYR A 84 7.99 3.97 -16.31
CA TYR A 84 7.68 2.60 -15.97
C TYR A 84 7.80 2.47 -14.49
N TYR A 85 6.66 2.21 -13.84
CA TYR A 85 6.58 2.00 -12.45
C TYR A 85 6.70 0.51 -12.16
N LEU A 86 7.85 0.03 -11.73
CA LEU A 86 8.04 -1.41 -11.45
C LEU A 86 7.78 -1.77 -9.95
N SER A 87 6.80 -2.63 -9.69
CA SER A 87 6.51 -2.96 -8.27
C SER A 87 6.15 -4.44 -8.23
N LEU A 88 6.42 -5.16 -7.12
CA LEU A 88 5.96 -6.56 -7.06
C LEU A 88 4.57 -6.54 -6.54
N GLU A 89 4.15 -5.36 -6.06
CA GLU A 89 2.83 -5.22 -5.50
C GLU A 89 1.99 -4.12 -6.13
N PHE A 90 0.72 -4.41 -6.40
CA PHE A 90 -0.25 -3.37 -6.76
C PHE A 90 -1.50 -3.71 -6.04
N TYR A 91 -1.81 -2.98 -4.97
CA TYR A 91 -3.01 -3.30 -4.18
C TYR A 91 -4.23 -2.51 -4.67
N MET A 92 -4.92 -3.07 -5.67
CA MET A 92 -5.99 -2.40 -6.40
C MET A 92 -7.36 -2.29 -5.78
N GLY A 93 -7.83 -3.36 -5.13
CA GLY A 93 -9.17 -3.36 -4.56
C GLY A 93 -10.18 -3.42 -5.71
N ARG A 94 -11.43 -2.92 -5.54
CA ARG A 94 -12.39 -3.04 -6.62
C ARG A 94 -12.20 -1.99 -7.65
N THR A 95 -12.66 -2.32 -8.85
CA THR A 95 -12.51 -1.52 -10.06
C THR A 95 -13.83 -0.88 -10.52
N LEU A 96 -14.95 -1.49 -10.27
CA LEU A 96 -16.19 -0.97 -10.87
C LEU A 96 -16.56 0.49 -10.50
N GLN A 97 -16.67 0.79 -9.20
CA GLN A 97 -17.03 2.14 -8.75
C GLN A 97 -15.98 3.16 -9.18
N ASN A 98 -14.71 2.81 -9.00
CA ASN A 98 -13.62 3.67 -9.47
C ASN A 98 -13.69 4.06 -10.92
N THR A 99 -13.97 3.07 -11.78
CA THR A 99 -14.17 3.35 -13.19
C THR A 99 -15.38 4.30 -13.39
N MET A 100 -16.51 4.03 -12.76
CA MET A 100 -17.69 4.94 -12.92
C MET A 100 -17.36 6.40 -12.53
N VAL A 101 -16.76 6.54 -11.34
CA VAL A 101 -16.34 7.82 -10.78
C VAL A 101 -15.48 8.61 -11.81
N ASN A 102 -14.45 7.95 -12.32
CA ASN A 102 -13.50 8.56 -13.26
C ASN A 102 -14.03 8.92 -14.64
N LEU A 103 -15.13 8.27 -15.03
CA LEU A 103 -15.78 8.51 -16.32
C LEU A 103 -17.09 9.28 -16.11
N ALA A 104 -17.38 9.68 -14.89
CA ALA A 104 -18.59 10.47 -14.59
C ALA A 104 -19.87 9.71 -14.92
N LEU A 105 -19.89 8.37 -14.71
CA LEU A 105 -21.02 7.49 -14.99
C LEU A 105 -21.84 7.08 -13.77
N GLU A 106 -21.41 7.50 -12.60
CA GLU A 106 -21.96 6.96 -11.39
C GLU A 106 -23.48 7.14 -11.24
N ASN A 107 -23.97 8.35 -11.51
CA ASN A 107 -25.40 8.63 -11.42
C ASN A 107 -26.22 7.97 -12.53
N ALA A 108 -25.69 7.92 -13.75
CA ALA A 108 -26.41 7.30 -14.83
C ALA A 108 -26.50 5.75 -14.65
N CYS A 109 -25.44 5.07 -14.24
CA CYS A 109 -25.53 3.65 -13.95
C CYS A 109 -26.48 3.39 -12.81
N ASP A 110 -26.36 4.18 -11.74
CA ASP A 110 -27.34 4.16 -10.68
C ASP A 110 -28.82 4.24 -11.17
N GLU A 111 -29.12 5.25 -11.97
CA GLU A 111 -30.39 5.37 -12.62
C GLU A 111 -30.75 4.15 -13.56
N ALA A 112 -29.86 3.79 -14.49
CA ALA A 112 -30.07 2.69 -15.40
C ALA A 112 -30.44 1.41 -14.64
N THR A 113 -29.70 1.13 -13.56
CA THR A 113 -29.88 -0.13 -12.81
C THR A 113 -31.20 -0.15 -11.97
N TYR A 114 -31.43 0.98 -11.26
CA TYR A 114 -32.70 1.30 -10.59
C TYR A 114 -33.93 0.99 -11.47
N GLN A 115 -33.96 1.49 -12.72
CA GLN A 115 -35.07 1.23 -13.71
C GLN A 115 -35.22 -0.21 -14.19
N LEU A 116 -34.13 -1.00 -14.11
CA LEU A 116 -34.22 -2.45 -14.21
C LEU A 116 -34.51 -3.06 -12.86
N GLY A 117 -34.75 -2.22 -11.86
CA GLY A 117 -35.11 -2.66 -10.52
C GLY A 117 -33.99 -3.42 -9.87
N LEU A 118 -32.76 -2.96 -10.03
CA LEU A 118 -31.67 -3.62 -9.36
C LEU A 118 -31.05 -2.56 -8.49
N ASP A 119 -30.43 -2.92 -7.37
CA ASP A 119 -29.67 -1.94 -6.56
C ASP A 119 -28.12 -2.02 -6.84
N MET A 120 -27.59 -1.00 -7.51
CA MET A 120 -26.19 -0.89 -7.75
C MET A 120 -25.32 -1.17 -6.54
N GLU A 121 -25.62 -0.57 -5.42
CA GLU A 121 -24.73 -0.70 -4.26
C GLU A 121 -24.52 -2.18 -3.84
N GLU A 122 -25.60 -2.95 -3.93
CA GLU A 122 -25.63 -4.40 -3.67
C GLU A 122 -24.77 -5.19 -4.71
N LEU A 123 -24.79 -4.77 -5.99
CA LEU A 123 -23.99 -5.38 -7.10
C LEU A 123 -22.46 -5.15 -6.95
N GLU A 124 -22.13 -3.94 -6.50
CA GLU A 124 -20.78 -3.46 -6.29
C GLU A 124 -20.07 -4.36 -5.28
N GLU A 125 -20.80 -4.78 -4.25
CA GLU A 125 -20.33 -5.66 -3.18
C GLU A 125 -20.02 -7.06 -3.62
N ILE A 126 -20.40 -7.48 -4.82
CA ILE A 126 -20.06 -8.79 -5.31
C ILE A 126 -18.66 -8.81 -5.88
N GLU A 127 -18.17 -7.66 -6.35
CA GLU A 127 -16.83 -7.61 -6.97
C GLU A 127 -15.78 -8.00 -5.90
N GLU A 128 -14.85 -8.87 -6.27
CA GLU A 128 -13.67 -9.22 -5.46
C GLU A 128 -12.64 -8.08 -5.43
N ASP A 129 -12.12 -7.69 -4.26
CA ASP A 129 -10.80 -7.00 -4.24
C ASP A 129 -9.68 -7.64 -5.09
N ALA A 130 -9.12 -6.92 -6.05
CA ALA A 130 -7.80 -7.34 -6.47
C ALA A 130 -6.71 -7.09 -5.36
N GLY A 131 -6.38 -8.12 -4.61
CA GLY A 131 -5.55 -7.95 -3.40
C GLY A 131 -4.12 -8.30 -3.72
N LEU A 132 -3.58 -7.71 -4.75
CA LEU A 132 -2.27 -8.10 -5.16
C LEU A 132 -1.21 -7.28 -4.44
N GLY A 133 -1.39 -7.06 -3.13
CA GLY A 133 -0.35 -6.40 -2.34
C GLY A 133 -0.60 -6.70 -0.87
N ASN A 134 0.32 -6.27 0.01
CA ASN A 134 0.28 -6.58 1.42
C ASN A 134 -0.30 -5.48 2.23
N GLY A 135 -0.09 -4.22 1.83
CA GLY A 135 -0.55 -3.07 2.65
C GLY A 135 -0.08 -1.78 2.03
N GLY A 136 0.76 -1.00 2.75
CA GLY A 136 0.96 0.42 2.36
C GLY A 136 1.66 0.56 1.00
N LEU A 137 2.64 -0.31 0.79
CA LEU A 137 3.54 -0.24 -0.37
C LEU A 137 2.73 -0.58 -1.65
N GLY A 138 1.98 -1.69 -1.63
CA GLY A 138 1.26 -2.03 -2.84
C GLY A 138 0.15 -1.04 -3.07
N ARG A 139 -0.36 -0.47 -1.99
CA ARG A 139 -1.50 0.42 -2.10
C ARG A 139 -1.04 1.79 -2.62
N LEU A 140 0.19 2.17 -2.30
CA LEU A 140 0.80 3.39 -2.79
C LEU A 140 0.96 3.26 -4.30
N ALA A 141 1.15 2.01 -4.77
CA ALA A 141 1.43 1.79 -6.16
C ALA A 141 0.14 2.08 -6.87
N ALA A 142 -0.94 1.54 -6.33
CA ALA A 142 -2.26 1.82 -6.87
C ALA A 142 -2.67 3.28 -6.91
N CYS A 143 -2.48 4.03 -5.83
CA CYS A 143 -2.77 5.44 -5.81
C CYS A 143 -1.94 6.22 -6.84
N PHE A 144 -0.66 5.84 -6.94
CA PHE A 144 0.24 6.42 -7.90
C PHE A 144 -0.28 6.23 -9.33
N LEU A 145 -0.76 5.02 -9.67
CA LEU A 145 -1.33 4.79 -11.02
C LEU A 145 -2.49 5.71 -11.33
N ASP A 146 -3.42 5.86 -10.38
CA ASP A 146 -4.55 6.72 -10.57
C ASP A 146 -4.02 8.17 -10.75
N SER A 147 -2.99 8.54 -9.98
CA SER A 147 -2.54 9.90 -10.10
C SER A 147 -1.79 10.12 -11.43
N MET A 148 -0.99 9.18 -11.89
CA MET A 148 -0.29 9.31 -13.15
C MET A 148 -1.27 9.48 -14.32
N ALA A 149 -2.39 8.76 -14.29
CA ALA A 149 -3.40 8.82 -15.34
C ALA A 149 -4.09 10.18 -15.28
N THR A 150 -4.41 10.65 -14.07
CA THR A 150 -5.10 11.90 -13.89
C THR A 150 -4.14 13.06 -14.29
N LEU A 151 -2.81 12.83 -14.21
CA LEU A 151 -1.91 13.91 -14.52
C LEU A 151 -1.39 13.79 -15.95
N GLY A 152 -2.01 12.97 -16.77
CA GLY A 152 -1.64 12.92 -18.18
C GLY A 152 -0.28 12.35 -18.47
N LEU A 153 0.28 11.52 -17.60
CA LEU A 153 1.65 11.10 -17.85
C LEU A 153 1.57 9.82 -18.61
N ALA A 154 2.51 9.61 -19.58
CA ALA A 154 2.52 8.37 -20.36
C ALA A 154 3.17 7.22 -19.54
N ALA A 155 2.41 6.61 -18.65
CA ALA A 155 2.98 5.82 -17.53
C ALA A 155 2.35 4.47 -17.62
N TYR A 156 3.14 3.46 -17.24
CA TYR A 156 2.77 2.05 -17.31
C TYR A 156 3.13 1.45 -16.00
N GLY A 157 2.20 0.86 -15.29
CA GLY A 157 2.58 -0.01 -14.14
C GLY A 157 2.87 -1.44 -14.59
N TYR A 158 3.99 -2.00 -14.11
CA TYR A 158 4.39 -3.36 -14.39
C TYR A 158 4.58 -4.22 -13.15
N GLY A 159 3.96 -5.41 -13.17
CA GLY A 159 4.05 -6.35 -12.03
C GLY A 159 3.74 -7.77 -12.45
N ILE A 160 3.32 -8.57 -11.46
CA ILE A 160 3.08 -10.02 -11.64
C ILE A 160 1.61 -10.17 -11.40
N ARG A 161 0.94 -10.95 -12.29
CA ARG A 161 -0.48 -11.28 -12.12
C ARG A 161 -0.50 -12.55 -11.27
N TYR A 162 -0.62 -12.37 -9.97
CA TYR A 162 -0.57 -13.55 -9.07
C TYR A 162 -1.90 -14.28 -9.15
N GLU A 163 -1.87 -15.59 -9.26
CA GLU A 163 -3.14 -16.27 -9.18
C GLU A 163 -3.85 -16.14 -7.78
N PHE A 164 -3.06 -16.05 -6.70
CA PHE A 164 -3.57 -15.83 -5.34
C PHE A 164 -2.98 -14.59 -4.73
N GLY A 165 -3.83 -13.71 -4.23
CA GLY A 165 -3.44 -12.38 -3.68
C GLY A 165 -3.21 -12.62 -2.19
N ILE A 166 -3.29 -11.54 -1.42
CA ILE A 166 -3.10 -11.63 0.04
C ILE A 166 -4.18 -12.61 0.52
N PHE A 167 -3.83 -13.56 1.34
CA PHE A 167 -4.86 -14.51 1.88
C PHE A 167 -6.11 -13.83 2.53
N ASN A 168 -7.24 -14.52 2.47
CA ASN A 168 -8.38 -14.11 3.27
C ASN A 168 -8.14 -14.56 4.71
N GLN A 169 -8.43 -13.67 5.67
CA GLN A 169 -8.31 -13.86 7.10
C GLN A 169 -9.64 -14.31 7.76
N LYS A 170 -9.65 -15.52 8.32
CA LYS A 170 -10.79 -15.94 9.15
C LYS A 170 -10.32 -15.87 10.62
N ILE A 171 -11.22 -15.53 11.53
CA ILE A 171 -10.99 -15.80 12.96
C ILE A 171 -11.67 -17.09 13.43
N CYS A 172 -10.96 -18.02 14.08
CA CYS A 172 -11.57 -19.21 14.74
C CYS A 172 -11.00 -19.21 16.13
N GLY A 173 -11.89 -19.16 17.11
CA GLY A 173 -11.52 -19.23 18.54
C GLY A 173 -10.60 -18.05 18.88
N GLY A 174 -10.88 -16.91 18.22
CA GLY A 174 -10.00 -15.78 18.28
C GLY A 174 -8.62 -15.89 17.64
N TRP A 175 -8.34 -16.96 16.88
CA TRP A 175 -7.06 -17.10 16.11
C TRP A 175 -7.25 -16.83 14.62
N GLN A 176 -6.25 -16.28 13.97
CA GLN A 176 -6.17 -16.13 12.51
C GLN A 176 -6.06 -17.49 11.80
N MET A 177 -6.96 -17.78 10.89
CA MET A 177 -6.78 -18.85 9.94
C MET A 177 -6.58 -18.19 8.55
N GLU A 178 -5.80 -18.84 7.67
CA GLU A 178 -5.54 -18.30 6.32
C GLU A 178 -6.28 -19.08 5.25
N GLU A 179 -6.97 -18.44 4.32
CA GLU A 179 -7.48 -19.13 3.14
C GLU A 179 -6.98 -18.46 1.93
N ALA A 180 -6.76 -19.27 0.91
CA ALA A 180 -6.26 -18.89 -0.39
C ALA A 180 -7.27 -17.88 -0.93
N ASP A 181 -6.80 -16.76 -1.51
CA ASP A 181 -7.61 -15.70 -2.09
C ASP A 181 -7.69 -16.05 -3.56
N ASP A 182 -8.73 -16.77 -3.88
CA ASP A 182 -8.92 -17.25 -5.21
C ASP A 182 -9.70 -16.22 -6.04
N TRP A 183 -9.17 -15.01 -6.16
CA TRP A 183 -9.87 -13.86 -6.80
C TRP A 183 -10.26 -13.99 -8.28
N LEU A 184 -9.59 -14.86 -9.03
CA LEU A 184 -9.95 -15.11 -10.44
C LEU A 184 -10.99 -16.24 -10.69
N ARG A 185 -11.37 -16.99 -9.65
CA ARG A 185 -12.35 -18.05 -9.74
C ARG A 185 -13.46 -17.81 -10.74
N TYR A 186 -14.04 -16.60 -10.72
CA TYR A 186 -15.21 -16.21 -11.56
C TYR A 186 -14.80 -15.38 -12.76
N GLY A 187 -13.50 -15.17 -12.97
CA GLY A 187 -13.03 -14.35 -14.07
C GLY A 187 -12.85 -12.89 -13.65
N ASN A 188 -12.06 -12.16 -14.41
CA ASN A 188 -11.77 -10.77 -14.12
C ASN A 188 -12.19 -9.99 -15.40
N PRO A 189 -13.34 -9.30 -15.37
CA PRO A 189 -13.72 -8.62 -16.60
C PRO A 189 -12.80 -7.44 -16.96
N TRP A 190 -11.92 -7.03 -16.05
CA TRP A 190 -11.09 -5.84 -16.19
C TRP A 190 -9.80 -6.11 -16.95
N GLU A 191 -9.31 -7.33 -17.04
CA GLU A 191 -8.02 -7.55 -17.66
C GLU A 191 -8.21 -7.98 -19.11
N LYS A 192 -7.26 -7.68 -20.00
CA LYS A 192 -7.26 -8.22 -21.40
C LYS A 192 -5.97 -8.97 -21.60
N ALA A 193 -6.09 -10.29 -21.76
CA ALA A 193 -4.95 -11.18 -21.96
C ALA A 193 -4.30 -10.76 -23.27
N ARG A 194 -2.97 -10.68 -23.32
CA ARG A 194 -2.34 -10.39 -24.63
C ARG A 194 -1.36 -11.44 -24.98
N PRO A 195 -1.84 -12.68 -25.25
CA PRO A 195 -0.87 -13.81 -25.44
C PRO A 195 0.12 -13.62 -26.59
N GLU A 196 -0.22 -12.76 -27.55
CA GLU A 196 0.73 -12.28 -28.61
C GLU A 196 1.98 -11.51 -28.19
N PHE A 197 2.08 -11.05 -26.95
CA PHE A 197 3.31 -10.32 -26.53
C PHE A 197 4.11 -11.07 -25.48
N THR A 198 3.86 -12.38 -25.43
CA THR A 198 4.59 -13.35 -24.65
C THR A 198 6.06 -13.28 -24.99
N LEU A 199 6.88 -13.34 -23.95
CA LEU A 199 8.32 -13.02 -23.98
C LEU A 199 9.03 -14.10 -23.18
N PRO A 200 10.21 -14.55 -23.66
CA PRO A 200 11.00 -15.55 -22.84
C PRO A 200 11.72 -14.90 -21.66
N VAL A 201 11.75 -15.57 -20.52
CA VAL A 201 12.62 -15.24 -19.43
C VAL A 201 13.55 -16.41 -19.15
N HIS A 202 14.82 -16.13 -18.93
CA HIS A 202 15.84 -17.16 -18.74
C HIS A 202 16.28 -17.34 -17.27
N PHE A 203 16.55 -18.57 -16.86
CA PHE A 203 16.99 -18.90 -15.49
C PHE A 203 18.11 -19.95 -15.56
N TYR A 204 18.96 -19.99 -14.52
CA TYR A 204 20.05 -21.00 -14.36
C TYR A 204 21.07 -20.77 -15.46
N GLY A 205 21.42 -21.82 -16.22
CA GLY A 205 22.49 -21.74 -17.22
C GLY A 205 23.88 -21.53 -16.62
N ARG A 206 24.82 -21.11 -17.44
CA ARG A 206 26.17 -20.77 -17.01
C ARG A 206 26.63 -19.70 -17.99
N VAL A 207 27.77 -19.08 -17.71
CA VAL A 207 28.35 -18.07 -18.56
C VAL A 207 29.58 -18.62 -19.27
N GLU A 208 29.59 -18.55 -20.60
CA GLU A 208 30.82 -18.70 -21.38
C GLU A 208 31.37 -17.32 -21.87
N HIS A 209 32.72 -17.24 -21.94
CA HIS A 209 33.43 -16.12 -22.65
C HIS A 209 33.87 -16.42 -24.10
N THR A 210 33.50 -15.55 -25.05
CA THR A 210 33.98 -15.67 -26.43
C THR A 210 34.96 -14.50 -26.71
N SER A 211 35.47 -14.44 -27.95
CA SER A 211 36.16 -13.22 -28.45
C SER A 211 35.14 -12.05 -28.61
N GLN A 212 33.92 -12.43 -29.05
CA GLN A 212 32.68 -11.65 -28.90
C GLN A 212 32.30 -10.97 -27.51
N GLY A 213 32.56 -11.63 -26.36
CA GLY A 213 32.14 -11.17 -25.03
C GLY A 213 31.45 -12.31 -24.30
N ALA A 214 30.98 -12.05 -23.08
CA ALA A 214 30.19 -13.02 -22.28
C ALA A 214 28.86 -13.43 -22.93
N LYS A 215 28.44 -14.64 -22.62
CA LYS A 215 27.28 -15.30 -23.21
C LYS A 215 26.60 -16.24 -22.19
N TRP A 216 25.32 -16.00 -21.97
CA TRP A 216 24.56 -16.73 -21.01
C TRP A 216 23.91 -17.86 -21.81
N VAL A 217 24.24 -19.12 -21.46
CA VAL A 217 23.81 -20.34 -22.20
C VAL A 217 23.22 -21.44 -21.30
N ASP A 218 22.63 -22.48 -21.94
CA ASP A 218 21.96 -23.62 -21.27
C ASP A 218 20.98 -23.21 -20.17
N THR A 219 20.14 -22.23 -20.48
CA THR A 219 19.22 -21.64 -19.49
C THR A 219 17.88 -22.45 -19.48
N GLN A 220 17.12 -22.45 -18.41
CA GLN A 220 15.70 -22.80 -18.51
C GLN A 220 14.93 -21.55 -18.93
N VAL A 221 13.95 -21.79 -19.78
CA VAL A 221 13.08 -20.76 -20.32
C VAL A 221 11.71 -20.88 -19.66
N VAL A 222 11.23 -19.76 -19.17
CA VAL A 222 9.87 -19.67 -18.69
C VAL A 222 9.20 -18.54 -19.52
N LEU A 223 7.95 -18.68 -19.95
CA LEU A 223 7.36 -17.63 -20.73
C LEU A 223 6.60 -16.63 -19.83
N ALA A 224 6.66 -15.36 -20.23
CA ALA A 224 5.92 -14.35 -19.54
C ALA A 224 4.80 -13.85 -20.42
N MET A 225 3.55 -14.09 -20.04
CA MET A 225 2.41 -13.69 -20.86
C MET A 225 1.74 -12.50 -20.20
N PRO A 226 1.57 -11.34 -20.91
CA PRO A 226 1.07 -10.17 -20.21
C PRO A 226 -0.46 -10.12 -20.21
N TYR A 227 -1.04 -9.60 -19.13
CA TYR A 227 -2.48 -9.18 -19.01
C TYR A 227 -2.58 -7.70 -18.82
N ASP A 228 -3.36 -7.01 -19.67
CA ASP A 228 -3.45 -5.53 -19.54
C ASP A 228 -4.72 -5.08 -18.76
N THR A 229 -4.52 -4.17 -17.83
CA THR A 229 -5.64 -3.57 -17.12
C THR A 229 -5.66 -2.08 -17.33
N PRO A 230 -6.87 -1.54 -17.72
CA PRO A 230 -7.10 -0.11 -17.95
C PRO A 230 -7.00 0.63 -16.64
N VAL A 231 -6.35 1.82 -16.64
CA VAL A 231 -6.25 2.72 -15.52
C VAL A 231 -6.78 4.07 -15.98
N PRO A 232 -8.06 4.40 -15.65
CA PRO A 232 -8.62 5.59 -16.18
C PRO A 232 -8.18 6.81 -15.33
N GLY A 233 -7.83 7.90 -16.01
CA GLY A 233 -7.73 9.21 -15.37
C GLY A 233 -9.05 9.89 -14.91
N TYR A 234 -8.97 10.80 -13.93
CA TYR A 234 -10.15 11.52 -13.46
C TYR A 234 -10.73 12.48 -14.51
N ARG A 235 -11.77 12.01 -15.16
CA ARG A 235 -12.46 12.83 -16.14
C ARG A 235 -11.57 13.47 -17.18
N ASN A 236 -10.45 12.86 -17.54
CA ASN A 236 -9.69 13.48 -18.60
C ASN A 236 -9.60 12.69 -19.91
N ASN A 237 -10.35 11.57 -19.99
CA ASN A 237 -10.28 10.65 -21.11
C ASN A 237 -8.92 10.03 -21.35
N VAL A 238 -8.03 10.14 -20.38
CA VAL A 238 -6.78 9.39 -20.45
C VAL A 238 -7.09 8.03 -19.75
N VAL A 239 -6.63 6.95 -20.39
CA VAL A 239 -6.68 5.61 -19.87
C VAL A 239 -5.25 4.98 -20.09
N ASN A 240 -4.48 4.78 -19.00
CA ASN A 240 -3.14 4.16 -19.00
C ASN A 240 -3.28 2.66 -18.79
N THR A 241 -2.12 1.98 -18.78
CA THR A 241 -2.11 0.53 -18.72
C THR A 241 -1.36 0.07 -17.55
N MET A 242 -1.94 -0.91 -16.83
CA MET A 242 -1.16 -1.75 -15.89
C MET A 242 -0.98 -3.12 -16.55
N ARG A 243 0.27 -3.50 -16.82
CA ARG A 243 0.61 -4.73 -17.47
C ARG A 243 1.21 -5.68 -16.42
N LEU A 244 0.61 -6.86 -16.32
CA LEU A 244 0.98 -7.82 -15.29
C LEU A 244 1.32 -9.18 -15.99
N TRP A 245 2.44 -9.77 -15.59
CA TRP A 245 2.96 -10.92 -16.31
C TRP A 245 2.51 -12.17 -15.60
N SER A 246 2.25 -13.20 -16.40
CA SER A 246 1.91 -14.52 -15.93
C SER A 246 2.92 -15.58 -16.43
N ALA A 247 3.27 -16.59 -15.63
CA ALA A 247 4.23 -17.54 -16.07
C ALA A 247 3.57 -18.68 -16.79
N LYS A 248 4.14 -19.08 -17.93
CA LYS A 248 3.59 -20.17 -18.73
C LYS A 248 4.77 -21.07 -19.14
N ALA A 249 4.67 -22.38 -19.10
CA ALA A 249 5.75 -23.23 -19.52
C ALA A 249 5.91 -23.22 -21.02
N PRO A 250 7.13 -23.35 -21.57
CA PRO A 250 7.17 -23.54 -23.10
C PRO A 250 6.64 -24.93 -23.52
N ASN A 251 6.30 -25.17 -24.76
CA ASN A 251 5.64 -26.49 -25.04
C ASN A 251 6.45 -27.73 -25.21
N ASP A 252 7.73 -27.51 -25.56
CA ASP A 252 8.74 -28.55 -25.63
C ASP A 252 9.17 -28.87 -24.21
N PHE A 253 8.64 -28.09 -23.22
CA PHE A 253 8.95 -28.14 -21.75
C PHE A 253 8.89 -29.52 -21.17
N ASN A 254 10.09 -29.95 -20.73
CA ASN A 254 10.41 -31.30 -20.24
C ASN A 254 10.45 -32.32 -21.39
N LEU A 255 9.75 -32.01 -22.49
CA LEU A 255 9.37 -32.96 -23.52
C LEU A 255 10.45 -33.17 -24.63
N GLY A 262 7.12 -40.69 -17.67
CA GLY A 262 7.49 -40.27 -19.03
C GLY A 262 6.62 -39.05 -19.41
N TYR A 263 5.76 -39.27 -20.42
CA TYR A 263 4.92 -38.22 -21.01
C TYR A 263 4.01 -37.45 -20.00
N ILE A 264 3.22 -38.19 -19.21
CA ILE A 264 2.18 -37.61 -18.33
C ILE A 264 2.83 -36.66 -17.34
N GLN A 265 3.91 -37.18 -16.78
CA GLN A 265 4.69 -36.53 -15.77
C GLN A 265 5.32 -35.29 -16.32
N ALA A 266 5.83 -35.32 -17.57
CA ALA A 266 6.35 -34.08 -18.22
C ALA A 266 5.35 -32.97 -18.25
N VAL A 267 4.11 -33.31 -18.62
CA VAL A 267 3.00 -32.37 -18.73
C VAL A 267 2.64 -31.86 -17.36
N LEU A 268 2.55 -32.75 -16.38
CA LEU A 268 2.20 -32.36 -14.99
C LEU A 268 3.30 -31.47 -14.41
N ASP A 269 4.57 -31.65 -14.83
CA ASP A 269 5.67 -30.87 -14.30
C ASP A 269 5.74 -29.48 -14.87
N ARG A 270 4.88 -29.12 -15.83
CA ARG A 270 4.76 -27.70 -16.23
C ARG A 270 4.37 -26.75 -15.09
N ASN A 271 3.75 -27.28 -14.02
CA ASN A 271 3.54 -26.57 -12.76
C ASN A 271 4.76 -25.93 -12.13
N LEU A 272 5.88 -26.61 -12.20
CA LEU A 272 7.08 -26.05 -11.58
C LEU A 272 7.52 -24.72 -12.25
N ALA A 273 7.20 -24.48 -13.52
CA ALA A 273 7.53 -23.19 -14.05
C ALA A 273 6.40 -22.18 -13.76
N GLU A 274 5.17 -22.61 -13.72
CA GLU A 274 4.12 -21.62 -13.62
C GLU A 274 3.88 -21.24 -12.19
N ASN A 275 4.48 -21.97 -11.24
CA ASN A 275 4.47 -21.57 -9.86
C ASN A 275 5.05 -20.19 -9.67
N ILE A 276 5.93 -19.71 -10.56
CA ILE A 276 6.51 -18.38 -10.37
C ILE A 276 5.42 -17.31 -10.11
N SER A 277 4.32 -17.37 -10.84
CA SER A 277 3.30 -16.35 -10.65
C SER A 277 2.11 -16.85 -9.82
N ARG A 278 2.28 -17.88 -8.98
CA ARG A 278 1.14 -18.52 -8.42
C ARG A 278 0.60 -17.76 -7.25
N VAL A 279 1.52 -17.22 -6.42
CA VAL A 279 1.09 -16.65 -5.12
C VAL A 279 1.88 -15.41 -4.60
N LEU A 280 1.17 -14.37 -4.17
CA LEU A 280 1.85 -13.23 -3.52
C LEU A 280 2.57 -13.62 -2.19
N TYR A 281 3.88 -13.31 -2.00
CA TYR A 281 4.43 -13.47 -0.63
C TYR A 281 3.82 -12.52 0.39
N PRO A 282 3.32 -13.08 1.51
CA PRO A 282 2.42 -12.30 2.38
C PRO A 282 3.06 -11.53 3.59
N ASN A 283 4.33 -11.19 3.47
CA ASN A 283 5.08 -10.55 4.57
C ASN A 283 5.14 -9.08 4.33
N ASP A 284 4.67 -8.33 5.29
CA ASP A 284 4.66 -6.91 5.14
C ASP A 284 5.91 -6.44 5.87
N ASN A 285 6.75 -5.70 5.14
CA ASN A 285 7.84 -5.06 5.85
C ASN A 285 8.77 -6.14 6.57
N PHE A 286 9.08 -7.26 5.88
CA PHE A 286 9.92 -8.36 6.39
C PHE A 286 10.53 -9.16 5.19
N PHE A 287 11.85 -9.29 5.15
CA PHE A 287 12.48 -10.08 4.08
C PHE A 287 12.52 -11.60 4.44
N GLU A 288 12.18 -12.44 3.45
CA GLU A 288 12.37 -13.87 3.58
C GLU A 288 13.14 -14.33 2.32
N GLY A 289 14.38 -14.75 2.46
CA GLY A 289 15.20 -15.07 1.30
C GLY A 289 14.97 -16.45 0.67
N LYS A 290 13.82 -16.65 0.05
CA LYS A 290 13.48 -17.88 -0.62
C LYS A 290 13.70 -17.76 -2.12
N GLU A 291 14.10 -18.83 -2.77
CA GLU A 291 14.33 -18.88 -4.19
C GLU A 291 13.12 -18.45 -5.05
N LEU A 292 11.95 -19.08 -4.79
CA LEU A 292 10.76 -18.76 -5.49
C LEU A 292 10.57 -17.21 -5.55
N ARG A 293 10.85 -16.52 -4.42
CA ARG A 293 10.78 -15.03 -4.39
C ARG A 293 11.79 -14.41 -5.33
N LEU A 294 13.03 -14.86 -5.33
CA LEU A 294 13.98 -14.28 -6.24
C LEU A 294 13.56 -14.52 -7.74
N LYS A 295 13.07 -15.73 -8.07
CA LYS A 295 12.44 -15.99 -9.37
C LYS A 295 11.31 -15.00 -9.66
N GLN A 296 10.56 -14.61 -8.65
CA GLN A 296 9.48 -13.67 -8.95
C GLN A 296 10.03 -12.31 -9.39
N GLU A 297 11.07 -11.87 -8.67
CA GLU A 297 11.75 -10.63 -8.94
C GLU A 297 12.47 -10.65 -10.25
N TYR A 298 13.15 -11.73 -10.60
CA TYR A 298 13.77 -11.71 -11.92
C TYR A 298 12.68 -11.73 -13.07
N PHE A 299 11.71 -12.63 -12.95
CA PHE A 299 10.61 -12.73 -13.90
C PHE A 299 10.01 -11.35 -14.26
N VAL A 300 9.68 -10.53 -13.25
CA VAL A 300 8.99 -9.28 -13.62
C VAL A 300 9.99 -8.27 -14.28
N VAL A 301 11.21 -8.24 -13.76
CA VAL A 301 12.26 -7.40 -14.32
C VAL A 301 12.62 -7.78 -15.76
N ALA A 302 12.85 -9.07 -16.06
CA ALA A 302 13.27 -9.51 -17.38
C ALA A 302 12.21 -9.22 -18.49
N ALA A 303 10.98 -9.57 -18.20
CA ALA A 303 9.92 -9.43 -19.20
C ALA A 303 9.58 -7.97 -19.50
N THR A 304 9.53 -7.15 -18.45
CA THR A 304 9.38 -5.70 -18.49
C THR A 304 10.49 -4.98 -19.30
N LEU A 305 11.78 -5.29 -19.03
CA LEU A 305 12.86 -4.63 -19.75
C LEU A 305 12.81 -4.94 -21.23
N GLN A 306 12.48 -6.18 -21.59
CA GLN A 306 12.34 -6.46 -23.00
C GLN A 306 11.22 -5.65 -23.64
N ASP A 307 10.14 -5.45 -22.89
CA ASP A 307 8.99 -4.74 -23.35
C ASP A 307 9.32 -3.29 -23.47
N ILE A 308 10.10 -2.78 -22.52
CA ILE A 308 10.47 -1.39 -22.52
C ILE A 308 11.33 -1.17 -23.71
N ILE A 309 12.29 -2.07 -23.92
CA ILE A 309 13.26 -1.89 -24.98
C ILE A 309 12.66 -1.95 -26.38
N ARG A 310 11.74 -2.93 -26.57
CA ARG A 310 10.99 -3.11 -27.80
C ARG A 310 10.25 -1.80 -28.11
N ARG A 311 9.57 -1.23 -27.09
CA ARG A 311 8.78 -0.02 -27.26
C ARG A 311 9.66 1.18 -27.64
N PHE A 312 10.86 1.29 -27.04
CA PHE A 312 11.90 2.25 -27.47
C PHE A 312 12.42 2.10 -28.93
N LYS A 313 12.51 0.88 -29.45
CA LYS A 313 13.06 0.71 -30.78
C LYS A 313 12.07 1.11 -31.85
N SER A 314 10.80 1.35 -31.50
CA SER A 314 9.75 1.91 -32.44
C SER A 314 9.47 3.44 -32.24
N SER A 315 10.53 4.27 -32.18
CA SER A 315 10.41 5.71 -31.95
C SER A 315 10.15 6.42 -33.31
N THR A 325 19.90 1.39 -33.21
CA THR A 325 21.29 1.78 -32.96
C THR A 325 21.42 2.55 -31.60
N ASN A 326 20.67 3.64 -31.39
CA ASN A 326 21.19 4.63 -30.42
C ASN A 326 20.67 4.82 -28.97
N PHE A 327 21.49 4.33 -28.04
CA PHE A 327 21.00 4.24 -26.71
C PHE A 327 21.23 5.51 -25.91
N ASP A 328 21.88 6.52 -26.49
CA ASP A 328 22.10 7.78 -25.80
C ASP A 328 20.84 8.49 -25.46
N ALA A 329 19.88 8.49 -26.38
CA ALA A 329 18.53 8.99 -26.17
C ALA A 329 17.62 8.14 -25.21
N PHE A 330 18.07 6.95 -24.84
CA PHE A 330 17.26 6.08 -24.06
C PHE A 330 16.78 6.80 -22.79
N PRO A 331 17.71 7.47 -22.01
CA PRO A 331 17.17 8.16 -20.80
C PRO A 331 16.25 9.37 -21.10
N ASP A 332 16.21 9.88 -22.32
CA ASP A 332 15.22 10.92 -22.66
C ASP A 332 13.87 10.37 -23.04
N LYS A 333 13.77 9.05 -23.20
CA LYS A 333 12.59 8.36 -23.65
C LYS A 333 12.03 7.43 -22.53
N VAL A 334 12.84 7.11 -21.52
CA VAL A 334 12.47 6.07 -20.55
C VAL A 334 12.87 6.56 -19.15
N ALA A 335 11.93 6.49 -18.18
CA ALA A 335 12.33 6.54 -16.77
C ALA A 335 11.85 5.22 -16.20
N ILE A 336 12.66 4.53 -15.41
CA ILE A 336 12.23 3.34 -14.70
C ILE A 336 12.29 3.65 -13.23
N GLN A 337 11.11 3.66 -12.59
CA GLN A 337 11.07 3.83 -11.15
C GLN A 337 11.00 2.51 -10.42
N LEU A 338 11.92 2.28 -9.48
CA LEU A 338 11.89 1.06 -8.69
C LEU A 338 11.19 1.24 -7.36
N ASN A 339 10.07 0.51 -7.17
CA ASN A 339 9.30 0.48 -5.91
C ASN A 339 10.05 -0.40 -4.85
N ASP A 340 10.91 0.24 -4.05
CA ASP A 340 11.83 -0.44 -3.15
C ASP A 340 12.81 -1.26 -3.96
N THR A 341 13.48 -2.19 -3.33
CA THR A 341 14.53 -2.94 -3.97
C THR A 341 13.98 -4.19 -4.65
N HIS A 342 12.70 -4.45 -4.49
CA HIS A 342 12.11 -5.68 -5.03
C HIS A 342 12.42 -5.91 -6.56
N PRO A 343 12.49 -4.83 -7.38
CA PRO A 343 12.97 -4.97 -8.78
C PRO A 343 14.35 -4.48 -9.01
N SER A 344 15.21 -4.47 -7.98
CA SER A 344 16.57 -3.91 -8.14
C SER A 344 17.41 -4.66 -9.23
N LEU A 345 16.99 -5.88 -9.58
CA LEU A 345 17.67 -6.58 -10.68
C LEU A 345 17.46 -5.89 -12.04
N ALA A 346 16.46 -5.00 -12.20
CA ALA A 346 16.42 -4.09 -13.37
C ALA A 346 17.76 -3.49 -13.75
N ILE A 347 18.54 -3.09 -12.74
CA ILE A 347 19.84 -2.47 -12.90
C ILE A 347 20.86 -3.43 -13.54
N PRO A 348 21.18 -4.61 -12.89
CA PRO A 348 22.05 -5.52 -13.67
C PRO A 348 21.44 -6.10 -14.97
N GLU A 349 20.12 -6.18 -15.07
CA GLU A 349 19.50 -6.72 -16.27
C GLU A 349 19.69 -5.75 -17.44
N LEU A 350 19.54 -4.45 -17.11
CA LEU A 350 19.69 -3.38 -18.11
C LEU A 350 21.15 -3.39 -18.58
N MET A 351 22.08 -3.54 -17.63
CA MET A 351 23.44 -3.68 -18.04
C MET A 351 23.63 -4.88 -18.98
N ARG A 352 23.02 -6.03 -18.64
CA ARG A 352 23.23 -7.29 -19.42
C ARG A 352 22.78 -7.15 -20.87
N VAL A 353 21.57 -6.60 -21.02
CA VAL A 353 21.06 -6.33 -22.32
C VAL A 353 21.98 -5.40 -23.10
N LEU A 354 22.33 -4.23 -22.52
CA LEU A 354 23.15 -3.20 -23.23
C LEU A 354 24.53 -3.68 -23.53
N VAL A 355 25.14 -4.45 -22.62
CA VAL A 355 26.53 -4.87 -22.78
C VAL A 355 26.50 -6.13 -23.62
N ASP A 356 25.85 -7.22 -23.17
CA ASP A 356 25.99 -8.53 -23.81
C ASP A 356 25.22 -8.72 -25.07
N LEU A 357 24.02 -8.15 -25.20
CA LEU A 357 23.21 -8.24 -26.41
C LEU A 357 23.38 -6.99 -27.29
N GLU A 358 23.42 -5.76 -26.74
CA GLU A 358 23.52 -4.59 -27.68
C GLU A 358 24.95 -4.18 -27.99
N ARG A 359 25.91 -4.64 -27.17
CA ARG A 359 27.33 -4.53 -27.51
C ARG A 359 27.84 -3.07 -27.27
N LEU A 360 27.17 -2.32 -26.41
CA LEU A 360 27.75 -1.05 -25.93
C LEU A 360 28.91 -1.38 -25.00
N ASP A 361 29.84 -0.47 -24.88
CA ASP A 361 30.90 -0.69 -23.93
C ASP A 361 30.28 -0.43 -22.55
N TRP A 362 30.97 -0.93 -21.53
CA TRP A 362 30.62 -0.78 -20.14
C TRP A 362 30.22 0.63 -19.68
N ASP A 363 31.11 1.60 -19.86
CA ASP A 363 30.83 2.97 -19.40
C ASP A 363 29.60 3.66 -19.98
N LYS A 364 29.37 3.48 -21.28
CA LYS A 364 28.24 4.07 -21.93
C LYS A 364 26.91 3.45 -21.40
N ALA A 365 26.92 2.11 -21.27
CA ALA A 365 25.84 1.36 -20.70
C ALA A 365 25.52 1.86 -19.28
N TRP A 366 26.57 2.01 -18.49
CA TRP A 366 26.41 2.40 -17.11
C TRP A 366 25.76 3.79 -16.96
N GLU A 367 26.12 4.70 -17.89
CA GLU A 367 25.63 6.08 -17.89
C GLU A 367 24.17 6.01 -18.25
N VAL A 368 23.86 5.15 -19.22
CA VAL A 368 22.46 4.96 -19.63
C VAL A 368 21.58 4.43 -18.47
N THR A 369 22.03 3.35 -17.84
CA THR A 369 21.35 2.80 -16.71
C THR A 369 21.11 3.82 -15.56
N VAL A 370 22.16 4.50 -15.10
CA VAL A 370 22.04 5.36 -13.94
C VAL A 370 21.00 6.50 -14.27
N LYS A 371 21.08 7.03 -15.48
CA LYS A 371 20.12 8.07 -15.90
C LYS A 371 18.67 7.57 -16.07
N THR A 372 18.51 6.26 -16.31
CA THR A 372 17.18 5.66 -16.48
C THR A 372 16.51 5.36 -15.14
N CYS A 373 17.29 4.86 -14.19
CA CYS A 373 16.76 4.26 -12.96
C CYS A 373 16.71 5.23 -11.84
N ALA A 374 15.61 5.17 -11.11
CA ALA A 374 15.46 5.87 -9.80
C ALA A 374 14.91 4.86 -8.72
N TYR A 375 15.32 5.05 -7.47
CA TYR A 375 14.98 4.11 -6.41
C TYR A 375 14.24 4.83 -5.30
N THR A 376 13.05 4.36 -4.95
CA THR A 376 12.35 4.73 -3.72
C THR A 376 12.58 3.72 -2.55
N ASN A 377 13.12 4.19 -1.43
CA ASN A 377 13.28 3.36 -0.26
C ASN A 377 12.02 3.51 0.55
N HIS A 378 11.50 2.42 1.10
CA HIS A 378 10.32 2.50 1.96
C HIS A 378 10.46 2.03 3.40
N THR A 379 11.65 1.75 3.86
CA THR A 379 11.71 1.26 5.21
C THR A 379 13.13 1.32 5.73
N VAL A 380 13.25 1.40 7.05
CA VAL A 380 14.53 1.38 7.66
C VAL A 380 14.66 0.26 8.61
N LEU A 381 13.58 -0.52 8.80
CA LEU A 381 13.66 -1.75 9.62
C LEU A 381 14.69 -2.75 9.04
N PRO A 382 15.76 -3.07 9.76
CA PRO A 382 16.83 -3.89 9.15
C PRO A 382 16.40 -5.26 8.68
N GLU A 383 15.40 -5.87 9.33
CA GLU A 383 14.81 -7.14 8.89
C GLU A 383 13.92 -7.09 7.60
N ALA A 384 13.58 -5.89 7.13
CA ALA A 384 12.90 -5.65 5.83
C ALA A 384 13.90 -5.45 4.66
N LEU A 385 15.19 -5.26 4.95
CA LEU A 385 16.10 -4.98 3.90
C LEU A 385 16.52 -6.26 3.18
N GLU A 386 16.45 -6.25 1.84
CA GLU A 386 16.76 -7.44 1.02
C GLU A 386 18.23 -7.62 0.94
N ARG A 387 18.73 -8.73 1.48
CA ARG A 387 20.10 -9.12 1.26
C ARG A 387 20.16 -10.59 0.75
N TRP A 388 20.41 -10.79 -0.53
CA TRP A 388 20.39 -12.08 -1.11
C TRP A 388 21.72 -12.86 -0.98
N PRO A 389 21.66 -14.08 -0.44
CA PRO A 389 22.84 -14.95 -0.50
C PRO A 389 23.44 -15.08 -1.91
N VAL A 390 24.76 -15.00 -1.98
CA VAL A 390 25.52 -15.16 -3.19
C VAL A 390 25.26 -16.52 -3.87
N HIS A 391 25.22 -17.62 -3.11
CA HIS A 391 25.10 -18.98 -3.71
C HIS A 391 23.78 -19.07 -4.43
N LEU A 392 22.78 -18.34 -3.96
CA LEU A 392 21.55 -18.24 -4.67
C LEU A 392 21.67 -17.53 -5.99
N LEU A 393 22.37 -16.43 -6.04
CA LEU A 393 22.39 -15.70 -7.31
C LEU A 393 23.32 -16.39 -8.29
N GLU A 394 24.27 -17.13 -7.78
CA GLU A 394 25.22 -17.80 -8.59
C GLU A 394 24.60 -19.00 -9.37
N THR A 395 23.64 -19.70 -8.77
CA THR A 395 22.98 -20.84 -9.42
C THR A 395 21.95 -20.23 -10.35
N LEU A 396 21.23 -19.21 -9.88
CA LEU A 396 20.03 -18.80 -10.55
C LEU A 396 20.25 -17.81 -11.66
N LEU A 397 21.15 -16.85 -11.43
CA LEU A 397 21.38 -15.69 -12.31
C LEU A 397 22.88 -15.46 -12.40
N PRO A 398 23.65 -16.47 -12.93
CA PRO A 398 25.11 -16.34 -12.78
C PRO A 398 25.77 -15.17 -13.48
N ARG A 399 25.23 -14.70 -14.63
CA ARG A 399 25.71 -13.48 -15.29
C ARG A 399 25.44 -12.15 -14.50
N HIS A 400 24.25 -12.00 -13.97
CA HIS A 400 23.90 -10.94 -13.09
C HIS A 400 24.81 -10.91 -11.91
N LEU A 401 25.25 -12.07 -11.41
CA LEU A 401 26.18 -12.00 -10.25
C LEU A 401 27.52 -11.42 -10.74
N GLN A 402 27.94 -11.76 -11.98
CA GLN A 402 29.21 -11.21 -12.52
C GLN A 402 29.13 -9.69 -12.69
N ILE A 403 27.93 -9.25 -13.12
CA ILE A 403 27.73 -7.88 -13.41
C ILE A 403 27.70 -7.11 -12.08
N ILE A 404 27.14 -7.74 -11.04
CA ILE A 404 27.03 -7.08 -9.78
C ILE A 404 28.41 -6.81 -9.23
N TYR A 405 29.30 -7.81 -9.32
CA TYR A 405 30.70 -7.72 -8.81
C TYR A 405 31.47 -6.61 -9.51
N GLU A 406 31.30 -6.55 -10.84
CA GLU A 406 31.93 -5.57 -11.67
C GLU A 406 31.43 -4.18 -11.30
N ILE A 407 30.13 -4.08 -11.03
CA ILE A 407 29.52 -2.81 -10.57
C ILE A 407 30.19 -2.44 -9.24
N ASN A 408 30.24 -3.41 -8.34
CA ASN A 408 30.79 -3.18 -7.01
C ASN A 408 32.21 -2.68 -7.02
N GLN A 409 33.07 -3.35 -7.76
CA GLN A 409 34.51 -3.02 -7.91
C GLN A 409 34.68 -1.58 -8.43
N ARG A 410 33.94 -1.24 -9.47
CA ARG A 410 34.02 0.09 -9.98
C ARG A 410 33.49 1.13 -9.02
N PHE A 411 32.47 0.77 -8.28
CA PHE A 411 31.91 1.69 -7.29
C PHE A 411 32.89 1.95 -6.12
N LEU A 412 33.47 0.86 -5.65
CA LEU A 412 34.41 0.94 -4.58
C LEU A 412 35.64 1.68 -5.00
N ASN A 413 36.05 1.64 -6.29
CA ASN A 413 37.13 2.52 -6.78
C ASN A 413 36.79 4.00 -6.73
N ARG A 414 35.54 4.37 -6.92
CA ARG A 414 35.18 5.76 -6.75
C ARG A 414 35.21 6.17 -5.31
N VAL A 415 34.75 5.29 -4.38
CA VAL A 415 34.84 5.53 -2.90
C VAL A 415 36.33 5.73 -2.43
N ALA A 416 37.19 4.73 -2.74
CA ALA A 416 38.61 4.87 -2.53
C ALA A 416 39.16 6.24 -3.06
N ALA A 417 38.85 6.67 -4.28
CA ALA A 417 39.48 7.91 -4.73
C ALA A 417 39.00 9.17 -3.97
N ALA A 418 37.73 9.19 -3.54
CA ALA A 418 37.13 10.28 -2.81
C ALA A 418 37.53 10.28 -1.30
N PHE A 419 37.74 9.08 -0.73
CA PHE A 419 38.04 8.94 0.71
C PHE A 419 39.31 8.07 0.88
N PRO A 420 40.49 8.61 0.46
CA PRO A 420 41.65 7.66 0.44
C PRO A 420 42.02 7.24 1.86
N GLY A 421 42.10 5.93 2.04
CA GLY A 421 42.55 5.37 3.30
C GLY A 421 41.42 4.98 4.21
N ASP A 422 40.20 5.41 3.93
CA ASP A 422 39.07 5.09 4.79
C ASP A 422 38.58 3.67 4.42
N VAL A 423 39.33 2.71 4.96
CA VAL A 423 39.11 1.28 4.74
C VAL A 423 37.78 0.80 5.27
N ASP A 424 37.37 1.35 6.39
CA ASP A 424 36.13 0.94 6.93
C ASP A 424 34.91 1.37 6.09
N ARG A 425 34.99 2.58 5.51
CA ARG A 425 33.99 3.05 4.59
C ARG A 425 33.79 2.02 3.49
N LEU A 426 34.90 1.56 2.90
CA LEU A 426 34.87 0.58 1.84
C LEU A 426 34.11 -0.65 2.24
N ARG A 427 34.39 -1.19 3.41
CA ARG A 427 33.65 -2.36 3.91
C ARG A 427 32.15 -2.10 4.10
N ARG A 428 31.74 -1.03 4.78
CA ARG A 428 30.35 -0.63 4.96
C ARG A 428 29.60 -0.31 3.64
N MET A 429 30.32 0.19 2.64
CA MET A 429 29.65 0.62 1.39
C MET A 429 29.59 -0.50 0.35
N SER A 430 30.40 -1.55 0.49
CA SER A 430 30.35 -2.68 -0.45
C SER A 430 28.88 -3.16 -0.75
N LEU A 431 28.62 -3.47 -2.02
CA LEU A 431 27.42 -4.18 -2.37
C LEU A 431 27.49 -5.60 -1.83
N VAL A 432 28.72 -6.15 -1.66
CA VAL A 432 28.91 -7.49 -1.08
C VAL A 432 29.13 -7.46 0.44
N GLU A 433 28.19 -7.94 1.24
CA GLU A 433 28.43 -8.19 2.67
C GLU A 433 29.27 -9.47 2.86
N GLU A 434 30.44 -9.32 3.52
CA GLU A 434 31.23 -10.43 4.10
C GLU A 434 30.50 -10.99 5.33
N GLY A 435 30.91 -12.16 5.82
CA GLY A 435 30.15 -12.87 6.89
C GLY A 435 30.14 -14.36 6.68
N ALA A 436 29.52 -15.09 7.60
CA ALA A 436 29.46 -16.54 7.45
C ALA A 436 28.92 -16.87 6.01
N VAL A 437 27.78 -16.25 5.64
CA VAL A 437 27.17 -16.31 4.28
C VAL A 437 27.36 -14.96 3.61
N LYS A 438 28.07 -14.93 2.48
CA LYS A 438 28.17 -13.72 1.67
C LYS A 438 26.77 -13.35 1.11
N ARG A 439 26.40 -12.06 1.16
CA ARG A 439 25.11 -11.55 0.69
C ARG A 439 25.29 -10.37 -0.25
N ILE A 440 24.38 -10.13 -1.17
CA ILE A 440 24.37 -8.86 -1.91
C ILE A 440 23.40 -7.95 -1.22
N ASN A 441 23.83 -6.75 -0.84
CA ASN A 441 22.90 -5.74 -0.25
C ASN A 441 22.21 -5.01 -1.40
N MET A 442 20.94 -5.39 -1.67
CA MET A 442 20.23 -4.84 -2.84
C MET A 442 20.00 -3.31 -2.76
N ALA A 443 19.83 -2.76 -1.57
CA ALA A 443 19.72 -1.32 -1.39
C ALA A 443 20.97 -0.59 -1.86
N HIS A 444 22.16 -1.11 -1.54
CA HIS A 444 23.38 -0.51 -2.01
C HIS A 444 23.44 -0.53 -3.51
N LEU A 445 23.01 -1.62 -4.15
CA LEU A 445 22.96 -1.76 -5.62
C LEU A 445 22.09 -0.67 -6.22
N CYS A 446 20.90 -0.46 -5.60
CA CYS A 446 20.02 0.60 -6.04
C CYS A 446 20.62 2.01 -5.97
N ILE A 447 21.29 2.35 -4.85
CA ILE A 447 21.85 3.67 -4.76
C ILE A 447 22.94 3.80 -5.82
N ALA A 448 23.79 2.76 -5.99
CA ALA A 448 24.94 2.86 -6.95
C ALA A 448 24.46 3.15 -8.36
N GLY A 449 23.36 2.47 -8.75
CA GLY A 449 22.89 2.45 -10.14
C GLY A 449 21.68 3.31 -10.49
N SER A 450 21.32 4.26 -9.59
CA SER A 450 20.25 5.21 -9.78
C SER A 450 20.67 6.70 -9.77
N HIS A 451 20.07 7.57 -10.59
CA HIS A 451 20.36 9.01 -10.44
C HIS A 451 19.59 9.67 -9.28
N ALA A 452 18.55 9.05 -8.72
CA ALA A 452 17.84 9.65 -7.57
C ALA A 452 17.43 8.56 -6.64
N VAL A 453 17.47 8.84 -5.34
CA VAL A 453 17.06 7.92 -4.26
C VAL A 453 16.17 8.77 -3.40
N ASN A 454 14.91 8.36 -3.19
CA ASN A 454 14.03 9.18 -2.36
C ASN A 454 13.49 8.36 -1.17
N GLY A 455 13.26 9.01 -0.03
CA GLY A 455 12.41 8.43 1.04
C GLY A 455 10.99 8.92 0.85
N VAL A 456 10.13 8.61 1.82
CA VAL A 456 8.67 8.63 1.55
C VAL A 456 7.86 9.53 2.53
N ALA A 457 8.58 10.13 3.47
CA ALA A 457 8.15 11.29 4.27
C ALA A 457 9.45 12.02 4.66
N ARG A 458 9.31 13.29 4.99
CA ARG A 458 10.45 14.14 5.32
C ARG A 458 11.35 13.57 6.46
N ILE A 459 10.77 13.16 7.56
CA ILE A 459 11.56 12.65 8.66
C ILE A 459 12.32 11.36 8.23
N HIS A 460 11.64 10.47 7.48
CA HIS A 460 12.21 9.24 6.89
C HIS A 460 13.38 9.51 5.91
N SER A 461 13.17 10.43 4.98
CA SER A 461 14.25 10.91 4.10
C SER A 461 15.44 11.48 4.89
N GLU A 462 15.20 12.25 5.96
CA GLU A 462 16.26 12.73 6.87
C GLU A 462 16.93 11.55 7.56
N ILE A 463 16.22 10.56 8.04
CA ILE A 463 16.90 9.40 8.69
C ILE A 463 17.82 8.62 7.70
N LEU A 464 17.39 8.49 6.43
CA LEU A 464 18.19 7.88 5.40
C LEU A 464 19.54 8.58 5.28
N LYS A 465 19.52 9.92 5.21
CA LYS A 465 20.76 10.72 5.04
C LYS A 465 21.67 10.75 6.27
N LYS A 466 21.11 10.49 7.47
CA LYS A 466 21.80 10.58 8.76
C LYS A 466 22.24 9.28 9.27
N THR A 467 21.64 8.18 8.88
CA THR A 467 22.03 6.91 9.46
C THR A 467 22.27 5.85 8.39
N ILE A 468 21.21 5.18 7.94
CA ILE A 468 21.28 4.03 7.04
C ILE A 468 22.17 4.24 5.78
N PHE A 469 22.10 5.43 5.16
CA PHE A 469 22.87 5.69 3.95
C PHE A 469 23.74 6.97 4.05
N LYS A 470 24.15 7.34 5.26
CA LYS A 470 25.08 8.42 5.50
C LYS A 470 26.35 8.41 4.55
N ASP A 471 27.04 7.26 4.49
CA ASP A 471 28.16 7.05 3.58
C ASP A 471 27.84 7.40 2.10
N PHE A 472 26.69 6.97 1.57
CA PHE A 472 26.27 7.18 0.18
C PHE A 472 25.96 8.59 -0.10
N TYR A 473 25.23 9.19 0.82
CA TYR A 473 24.99 10.60 0.84
C TYR A 473 26.26 11.50 0.88
N GLU A 474 27.31 11.10 1.59
CA GLU A 474 28.55 11.93 1.58
C GLU A 474 29.22 11.86 0.23
N LEU A 475 29.16 10.66 -0.41
CA LEU A 475 29.68 10.45 -1.77
C LEU A 475 28.86 11.23 -2.76
N GLU A 476 27.52 11.06 -2.74
CA GLU A 476 26.68 11.63 -3.80
C GLU A 476 25.47 12.38 -3.23
N PRO A 477 25.76 13.56 -2.58
CA PRO A 477 24.65 14.33 -1.94
C PRO A 477 23.50 14.58 -2.89
N HIS A 478 23.79 14.97 -4.13
CA HIS A 478 22.82 15.31 -5.15
C HIS A 478 21.75 14.20 -5.44
N LYS A 479 22.06 12.94 -5.15
CA LYS A 479 21.06 11.88 -5.41
C LYS A 479 19.91 11.84 -4.44
N PHE A 480 20.02 12.43 -3.25
CA PHE A 480 19.03 12.14 -2.20
C PHE A 480 17.90 13.13 -2.16
N GLN A 481 16.65 12.65 -2.15
CA GLN A 481 15.50 13.49 -2.25
C GLN A 481 14.48 13.02 -1.27
N ASN A 482 13.44 13.83 -1.10
CA ASN A 482 12.24 13.44 -0.36
C ASN A 482 11.06 13.51 -1.34
N LYS A 483 10.09 12.60 -1.20
CA LYS A 483 8.79 12.70 -1.88
C LYS A 483 7.79 12.11 -0.91
N THR A 484 7.19 12.94 -0.06
CA THR A 484 6.23 12.48 0.94
C THR A 484 5.05 11.87 0.17
N ASN A 485 4.58 10.73 0.65
CA ASN A 485 3.49 9.94 0.12
C ASN A 485 2.21 10.80 0.10
N GLY A 486 1.23 10.36 -0.66
CA GLY A 486 -0.10 10.88 -0.69
C GLY A 486 -1.03 9.65 -0.98
N ILE A 487 -2.33 9.89 -1.10
CA ILE A 487 -3.38 8.88 -1.32
C ILE A 487 -4.22 9.56 -2.42
N THR A 488 -4.92 8.80 -3.26
CA THR A 488 -5.76 9.48 -4.24
C THR A 488 -7.10 9.95 -3.66
N PRO A 489 -7.46 11.17 -3.91
CA PRO A 489 -8.74 11.49 -3.35
C PRO A 489 -9.92 10.97 -4.13
N ARG A 490 -9.71 10.33 -5.29
CA ARG A 490 -10.81 9.80 -6.00
C ARG A 490 -11.35 8.63 -5.24
N ARG A 491 -10.56 7.55 -5.06
CA ARG A 491 -11.01 6.46 -4.19
C ARG A 491 -11.21 6.90 -2.74
N TRP A 492 -10.33 7.69 -2.14
CA TRP A 492 -10.33 7.89 -0.72
C TRP A 492 -11.19 9.04 -0.24
N LEU A 493 -12.02 9.58 -1.13
CA LEU A 493 -12.97 10.60 -0.69
C LEU A 493 -14.22 10.52 -1.54
N VAL A 494 -14.14 10.79 -2.85
CA VAL A 494 -15.32 10.82 -3.73
C VAL A 494 -16.05 9.49 -3.70
N LEU A 495 -15.26 8.44 -3.79
CA LEU A 495 -15.78 7.12 -3.90
C LEU A 495 -16.26 6.55 -2.54
N CYS A 496 -15.41 6.54 -1.52
CA CYS A 496 -15.84 5.96 -0.23
C CYS A 496 -16.71 6.89 0.64
N ASN A 497 -16.85 8.16 0.26
CA ASN A 497 -17.45 9.10 1.16
C ASN A 497 -18.24 10.16 0.39
N PRO A 498 -19.24 9.71 -0.40
CA PRO A 498 -19.94 10.62 -1.32
C PRO A 498 -20.61 11.75 -0.53
N GLY A 499 -21.12 11.49 0.66
CA GLY A 499 -21.74 12.58 1.42
C GLY A 499 -20.84 13.75 1.86
N LEU A 500 -19.57 13.47 2.20
CA LEU A 500 -18.67 14.48 2.64
C LEU A 500 -18.24 15.16 1.38
N ALA A 501 -17.90 14.43 0.33
CA ALA A 501 -17.54 15.02 -0.96
C ALA A 501 -18.58 16.02 -1.41
N GLU A 502 -19.85 15.69 -1.20
CA GLU A 502 -20.95 16.49 -1.69
C GLU A 502 -21.12 17.77 -0.88
N ILE A 503 -21.00 17.71 0.44
CA ILE A 503 -21.22 18.90 1.24
C ILE A 503 -20.03 19.82 1.06
N ILE A 504 -18.87 19.24 0.79
CA ILE A 504 -17.76 20.09 0.39
C ILE A 504 -18.00 20.77 -0.95
N ALA A 505 -18.39 19.99 -1.98
CA ALA A 505 -18.75 20.57 -3.29
C ALA A 505 -19.86 21.60 -3.20
N GLU A 506 -20.83 21.38 -2.29
CA GLU A 506 -21.90 22.36 -2.08
C GLU A 506 -21.34 23.77 -1.72
N ARG A 507 -20.29 23.84 -0.91
CA ARG A 507 -19.66 25.10 -0.59
C ARG A 507 -18.65 25.60 -1.60
N ILE A 508 -17.66 24.80 -1.98
CA ILE A 508 -16.56 25.27 -2.83
C ILE A 508 -16.42 24.72 -4.30
N GLY A 509 -17.39 23.96 -4.84
CA GLY A 509 -17.23 23.39 -6.17
C GLY A 509 -16.53 22.04 -6.18
N GLU A 510 -16.29 21.54 -7.37
CA GLU A 510 -15.88 20.17 -7.66
C GLU A 510 -14.42 20.08 -8.01
N GLU A 511 -13.81 21.24 -8.22
CA GLU A 511 -12.47 21.36 -8.76
C GLU A 511 -11.40 20.81 -7.82
N TYR A 512 -11.68 20.77 -6.53
CA TYR A 512 -10.78 20.27 -5.53
C TYR A 512 -10.46 18.81 -5.76
N ILE A 513 -11.36 18.05 -6.39
CA ILE A 513 -11.13 16.63 -6.58
C ILE A 513 -9.85 16.32 -7.38
N SER A 514 -9.42 17.21 -8.28
CA SER A 514 -8.11 17.01 -8.93
C SER A 514 -7.15 18.13 -8.53
N ASP A 515 -7.55 18.89 -7.54
CA ASP A 515 -6.70 19.87 -7.01
C ASP A 515 -6.98 19.97 -5.53
N LEU A 516 -6.44 19.03 -4.75
CA LEU A 516 -6.83 18.90 -3.36
C LEU A 516 -6.47 20.09 -2.47
N ASP A 517 -5.45 20.88 -2.84
CA ASP A 517 -5.11 22.13 -2.06
C ASP A 517 -6.24 23.07 -1.89
N GLN A 518 -7.12 23.13 -2.87
CA GLN A 518 -8.35 23.84 -2.76
C GLN A 518 -9.18 23.60 -1.49
N LEU A 519 -8.95 22.52 -0.77
CA LEU A 519 -9.66 22.30 0.46
C LEU A 519 -9.41 23.37 1.53
N ARG A 520 -8.33 24.18 1.42
CA ARG A 520 -8.05 25.30 2.40
C ARG A 520 -9.20 26.27 2.42
N LYS A 521 -9.93 26.40 1.31
CA LYS A 521 -11.04 27.33 1.27
C LYS A 521 -12.03 27.02 2.38
N LEU A 522 -12.04 25.74 2.81
CA LEU A 522 -12.85 25.30 3.98
C LEU A 522 -12.58 25.93 5.33
N LEU A 523 -11.39 26.48 5.54
CA LEU A 523 -11.13 27.27 6.72
C LEU A 523 -12.07 28.43 6.94
N SER A 524 -12.62 29.03 5.91
CA SER A 524 -13.46 30.14 6.24
C SER A 524 -14.88 29.69 6.60
N TYR A 525 -15.06 28.39 6.82
CA TYR A 525 -16.36 27.81 7.15
C TYR A 525 -16.36 27.17 8.50
N VAL A 526 -15.26 27.36 9.21
CA VAL A 526 -14.98 26.77 10.50
C VAL A 526 -15.85 27.34 11.62
N ASP A 527 -16.45 28.51 11.38
CA ASP A 527 -17.44 29.06 12.28
C ASP A 527 -18.79 29.23 11.58
N ASP A 528 -19.02 28.51 10.49
CA ASP A 528 -20.33 28.52 9.84
C ASP A 528 -21.16 27.43 10.51
N GLU A 529 -22.25 27.83 11.13
CA GLU A 529 -23.09 26.90 11.87
C GLU A 529 -23.61 25.79 11.00
N ALA A 530 -24.02 26.09 9.76
CA ALA A 530 -24.64 25.10 8.87
C ALA A 530 -23.57 24.11 8.40
N PHE A 531 -22.38 24.60 8.05
CA PHE A 531 -21.28 23.67 7.77
C PHE A 531 -20.92 22.70 8.90
N ILE A 532 -20.80 23.24 10.12
CA ILE A 532 -20.57 22.45 11.37
C ILE A 532 -21.61 21.28 11.48
N ARG A 533 -22.84 21.55 11.11
CA ARG A 533 -23.92 20.65 11.29
C ARG A 533 -23.82 19.53 10.24
N ASP A 534 -23.39 19.92 9.04
CA ASP A 534 -23.34 19.03 7.90
C ASP A 534 -22.16 18.07 8.04
N VAL A 535 -20.99 18.58 8.48
CA VAL A 535 -19.85 17.72 8.68
C VAL A 535 -20.25 16.67 9.74
N ALA A 536 -20.91 17.12 10.81
CA ALA A 536 -21.24 16.19 11.92
C ALA A 536 -22.28 15.15 11.52
N LYS A 537 -23.29 15.56 10.74
CA LYS A 537 -24.37 14.69 10.17
C LYS A 537 -23.80 13.61 9.20
N VAL A 538 -22.85 13.97 8.36
CA VAL A 538 -22.26 13.01 7.46
C VAL A 538 -21.50 11.93 8.29
N LYS A 539 -20.71 12.38 9.27
CA LYS A 539 -20.00 11.45 10.16
C LYS A 539 -21.02 10.48 10.79
N GLN A 540 -22.12 11.02 11.30
CA GLN A 540 -23.13 10.23 11.98
C GLN A 540 -23.78 9.21 11.01
N GLU A 541 -23.98 9.62 9.77
CA GLU A 541 -24.65 8.74 8.82
C GLU A 541 -23.74 7.54 8.49
N ASN A 542 -22.43 7.83 8.41
CA ASN A 542 -21.38 6.85 8.09
C ASN A 542 -21.24 5.91 9.23
N LYS A 543 -21.37 6.41 10.48
CA LYS A 543 -21.32 5.57 11.65
C LYS A 543 -22.50 4.62 11.67
N LEU A 544 -23.70 5.14 11.43
CA LEU A 544 -24.94 4.36 11.29
C LEU A 544 -24.80 3.29 10.22
N LYS A 545 -24.28 3.66 9.05
CA LYS A 545 -24.15 2.72 7.92
C LYS A 545 -23.14 1.62 8.26
N PHE A 546 -22.07 1.95 9.00
CA PHE A 546 -21.03 1.01 9.26
C PHE A 546 -21.44 0.11 10.40
N ALA A 547 -22.17 0.67 11.36
CA ALA A 547 -22.72 -0.06 12.52
C ALA A 547 -23.72 -1.16 12.10
N ALA A 548 -24.44 -0.92 10.99
CA ALA A 548 -25.40 -1.85 10.44
C ALA A 548 -24.59 -2.95 9.73
N TYR A 549 -23.67 -2.56 8.83
CA TYR A 549 -22.75 -3.49 8.17
C TYR A 549 -22.11 -4.44 9.23
N LEU A 550 -21.81 -3.96 10.43
CA LEU A 550 -21.36 -4.89 11.48
C LEU A 550 -22.41 -5.91 11.86
N GLU A 551 -23.58 -5.46 12.36
CA GLU A 551 -24.82 -6.28 12.50
C GLU A 551 -25.06 -7.33 11.36
N ARG A 552 -25.28 -6.90 10.12
CA ARG A 552 -25.60 -7.84 9.03
C ARG A 552 -24.56 -8.93 8.67
N GLU A 553 -23.35 -8.54 8.23
CA GLU A 553 -22.31 -9.46 7.70
C GLU A 553 -21.57 -10.28 8.76
N TYR A 554 -21.53 -9.78 10.01
CA TYR A 554 -20.90 -10.47 11.17
C TYR A 554 -21.65 -10.46 12.50
N LYS A 555 -22.99 -10.49 12.49
CA LYS A 555 -23.87 -10.57 13.70
C LYS A 555 -23.37 -10.00 15.09
N VAL A 556 -22.91 -8.75 15.08
CA VAL A 556 -22.29 -8.03 16.25
C VAL A 556 -22.97 -6.64 16.51
N HIS A 557 -23.34 -6.34 17.78
CA HIS A 557 -24.01 -5.02 18.07
C HIS A 557 -23.21 -3.87 18.72
N ILE A 558 -22.99 -2.80 17.94
CA ILE A 558 -22.34 -1.57 18.43
C ILE A 558 -23.28 -0.40 18.68
N ASN A 559 -23.02 0.34 19.74
CA ASN A 559 -23.71 1.57 20.02
C ASN A 559 -23.12 2.72 19.14
N PRO A 560 -23.93 3.37 18.29
CA PRO A 560 -23.26 4.27 17.34
C PRO A 560 -23.17 5.71 17.86
N ASN A 561 -23.58 5.94 19.11
CA ASN A 561 -23.30 7.23 19.74
C ASN A 561 -21.95 7.30 20.36
N SER A 562 -21.32 6.15 20.54
CA SER A 562 -19.93 6.04 21.04
C SER A 562 -18.92 6.66 20.08
N LEU A 563 -17.73 6.91 20.61
CA LEU A 563 -16.62 7.36 19.83
C LEU A 563 -15.96 6.13 19.16
N PHE A 564 -15.70 6.28 17.87
CA PHE A 564 -15.14 5.19 17.01
C PHE A 564 -13.63 5.34 16.95
N ASP A 565 -12.95 4.61 17.84
CA ASP A 565 -11.48 4.51 18.01
C ASP A 565 -11.02 3.33 17.09
N VAL A 566 -10.43 3.66 15.93
CA VAL A 566 -9.97 2.65 14.98
C VAL A 566 -8.50 2.63 14.78
N GLN A 567 -7.95 1.41 14.78
CA GLN A 567 -6.55 1.14 14.42
C GLN A 567 -6.56 0.04 13.33
N VAL A 568 -6.47 0.47 12.06
CA VAL A 568 -6.47 -0.52 10.98
C VAL A 568 -5.18 -0.48 10.14
N LYS A 569 -4.48 -1.59 10.07
CA LYS A 569 -3.13 -1.67 9.40
C LYS A 569 -2.64 -3.10 9.65
N ARG A 570 -1.60 -3.54 8.89
CA ARG A 570 -1.02 -4.87 9.19
C ARG A 570 -0.60 -4.99 10.67
N ILE A 571 -0.73 -6.20 11.21
CA ILE A 571 -0.30 -6.45 12.55
C ILE A 571 1.22 -6.53 12.63
N HIS A 572 1.85 -5.67 13.42
CA HIS A 572 3.30 -5.52 13.50
CA HIS A 572 3.32 -5.65 13.54
C HIS A 572 3.68 -5.11 14.91
N GLU A 573 4.74 -5.67 15.46
CA GLU A 573 5.33 -5.09 16.68
C GLU A 573 5.62 -3.55 16.56
N TYR A 574 6.24 -3.04 15.46
CA TYR A 574 6.53 -1.59 15.48
C TYR A 574 5.26 -0.78 15.41
N LYS A 575 4.19 -1.29 14.84
CA LYS A 575 2.96 -0.49 14.74
C LYS A 575 2.20 -0.37 16.11
N ARG A 576 2.56 -1.27 17.09
CA ARG A 576 2.17 -1.16 18.50
C ARG A 576 0.67 -1.20 18.81
N GLN A 577 -0.04 -2.10 18.11
CA GLN A 577 -1.40 -2.48 18.46
C GLN A 577 -1.41 -2.86 20.01
N LEU A 578 -0.25 -3.31 20.51
CA LEU A 578 -0.10 -3.70 21.89
C LEU A 578 -0.25 -2.47 22.82
N LEU A 579 0.32 -1.31 22.40
CA LEU A 579 0.08 -0.08 23.15
C LEU A 579 -1.42 0.17 23.29
N ASN A 580 -2.13 0.03 22.17
CA ASN A 580 -3.58 0.24 22.12
C ASN A 580 -4.25 -0.76 23.10
N CYS A 581 -3.77 -1.99 23.13
CA CYS A 581 -4.35 -3.00 24.01
C CYS A 581 -4.23 -2.58 25.46
N LEU A 582 -3.07 -2.03 25.82
CA LEU A 582 -2.82 -1.55 27.14
C LEU A 582 -3.78 -0.41 27.53
N HIS A 583 -4.06 0.47 26.55
CA HIS A 583 -4.97 1.56 26.82
C HIS A 583 -6.38 0.97 27.09
N VAL A 584 -6.78 0.05 26.20
CA VAL A 584 -8.08 -0.62 26.28
C VAL A 584 -8.30 -1.25 27.67
N ILE A 585 -7.30 -2.04 28.09
CA ILE A 585 -7.37 -2.73 29.35
C ILE A 585 -7.44 -1.69 30.50
N THR A 586 -6.75 -0.56 30.34
CA THR A 586 -6.74 0.48 31.39
C THR A 586 -8.18 1.05 31.58
N LEU A 587 -8.83 1.40 30.45
CA LEU A 587 -10.16 1.94 30.47
C LEU A 587 -11.07 0.95 31.18
N TYR A 588 -10.88 -0.33 30.87
CA TYR A 588 -11.62 -1.43 31.48
C TYR A 588 -11.40 -1.44 33.00
N ASN A 589 -10.13 -1.37 33.39
CA ASN A 589 -9.82 -1.35 34.84
C ASN A 589 -10.36 -0.16 35.64
N ARG A 590 -10.37 1.01 35.02
CA ARG A 590 -10.95 2.20 35.57
C ARG A 590 -12.48 2.10 35.76
N ILE A 591 -13.18 1.57 34.75
CA ILE A 591 -14.60 1.34 34.85
C ILE A 591 -14.89 0.41 36.02
N LYS A 592 -14.17 -0.71 36.14
CA LYS A 592 -14.34 -1.65 37.26
C LYS A 592 -14.05 -1.09 38.69
N LYS A 593 -13.11 -0.15 38.84
CA LYS A 593 -12.75 0.48 40.10
C LYS A 593 -13.91 1.39 40.51
N GLU A 594 -14.36 2.27 39.59
CA GLU A 594 -15.45 3.23 39.84
C GLU A 594 -16.52 3.02 38.80
N PRO A 595 -17.35 1.98 39.02
CA PRO A 595 -18.32 1.61 38.00
C PRO A 595 -19.38 2.67 37.75
N ASN A 596 -19.62 3.59 38.69
CA ASN A 596 -20.73 4.55 38.53
C ASN A 596 -20.29 5.93 38.13
N LYS A 597 -19.15 6.06 37.49
CA LYS A 597 -18.62 7.34 37.07
C LYS A 597 -18.81 7.52 35.54
N PHE A 598 -19.07 8.73 35.08
CA PHE A 598 -19.20 8.95 33.67
C PHE A 598 -17.85 8.77 32.93
N VAL A 599 -17.94 8.29 31.69
CA VAL A 599 -16.79 7.89 30.85
C VAL A 599 -17.40 8.05 29.51
N VAL A 600 -16.66 8.67 28.62
CA VAL A 600 -17.08 8.80 27.24
C VAL A 600 -17.08 7.37 26.68
N PRO A 601 -18.24 6.91 26.20
CA PRO A 601 -18.32 5.58 25.56
C PRO A 601 -17.40 5.42 24.34
N ARG A 602 -16.72 4.31 24.21
CA ARG A 602 -15.96 4.04 22.97
C ARG A 602 -16.27 2.69 22.44
N THR A 603 -16.14 2.63 21.11
CA THR A 603 -16.03 1.40 20.34
C THR A 603 -14.59 1.37 19.83
N VAL A 604 -13.83 0.41 20.35
CA VAL A 604 -12.46 0.26 19.94
C VAL A 604 -12.41 -0.88 18.90
N MET A 605 -12.11 -0.47 17.69
CA MET A 605 -12.01 -1.38 16.58
C MET A 605 -10.52 -1.46 16.12
N ILE A 606 -9.98 -2.66 16.13
CA ILE A 606 -8.66 -2.94 15.63
C ILE A 606 -8.71 -4.08 14.61
N GLY A 607 -8.02 -3.91 13.49
CA GLY A 607 -8.11 -4.84 12.37
C GLY A 607 -6.77 -4.92 11.66
N GLY A 608 -6.48 -6.03 10.98
CA GLY A 608 -5.30 -6.17 10.22
C GLY A 608 -4.91 -7.60 10.11
N LYS A 609 -4.20 -7.92 9.01
CA LYS A 609 -3.64 -9.27 8.86
C LYS A 609 -2.27 -9.38 9.46
N ALA A 610 -1.99 -10.59 10.00
CA ALA A 610 -0.65 -10.96 10.42
C ALA A 610 0.04 -11.82 9.33
N ALA A 611 1.31 -11.65 9.06
CA ALA A 611 1.99 -12.57 8.10
C ALA A 611 1.86 -13.99 8.65
N PRO A 612 1.56 -15.00 7.82
CA PRO A 612 1.45 -16.37 8.34
C PRO A 612 2.48 -16.96 9.29
N GLY A 613 3.80 -16.75 9.09
CA GLY A 613 4.77 -17.24 10.12
C GLY A 613 5.27 -16.27 11.22
N TYR A 614 4.60 -15.12 11.40
CA TYR A 614 5.01 -14.13 12.35
C TYR A 614 4.19 -14.44 13.63
N HIS A 615 4.78 -15.31 14.47
CA HIS A 615 4.13 -15.85 15.67
C HIS A 615 3.60 -14.73 16.63
N MET A 616 4.42 -13.72 16.87
CA MET A 616 4.06 -12.70 17.81
C MET A 616 2.85 -11.92 17.31
N ALA A 617 2.80 -11.59 16.02
CA ALA A 617 1.66 -10.88 15.40
C ALA A 617 0.41 -11.73 15.54
N LYS A 618 0.58 -13.06 15.42
CA LYS A 618 -0.53 -13.96 15.63
C LYS A 618 -1.03 -14.00 17.07
N MET A 619 -0.14 -13.77 18.04
CA MET A 619 -0.51 -13.74 19.45
C MET A 619 -1.26 -12.48 19.80
N ILE A 620 -0.82 -11.36 19.20
CA ILE A 620 -1.47 -10.05 19.35
C ILE A 620 -2.94 -10.13 18.91
N ILE A 621 -3.21 -10.72 17.73
CA ILE A 621 -4.59 -10.91 17.30
C ILE A 621 -5.33 -11.69 18.38
N LYS A 622 -4.69 -12.74 18.83
CA LYS A 622 -5.32 -13.50 19.91
C LYS A 622 -5.60 -12.65 21.18
N LEU A 623 -4.67 -11.77 21.58
CA LEU A 623 -4.83 -10.95 22.81
C LEU A 623 -6.01 -10.02 22.68
N ILE A 624 -6.07 -9.36 21.55
CA ILE A 624 -7.18 -8.49 21.15
C ILE A 624 -8.52 -9.21 21.31
N THR A 625 -8.69 -10.38 20.71
CA THR A 625 -10.02 -11.03 20.76
C THR A 625 -10.29 -11.50 22.17
N ALA A 626 -9.24 -11.85 22.92
CA ALA A 626 -9.37 -12.34 24.32
C ALA A 626 -9.84 -11.20 25.26
N ILE A 627 -9.37 -9.98 24.94
CA ILE A 627 -9.79 -8.75 25.62
C ILE A 627 -11.25 -8.48 25.30
N GLY A 628 -11.61 -8.53 24.00
CA GLY A 628 -13.02 -8.55 23.55
C GLY A 628 -13.96 -9.53 24.32
N ASP A 629 -13.56 -10.81 24.49
CA ASP A 629 -14.35 -11.76 25.28
C ASP A 629 -14.58 -11.31 26.70
N VAL A 630 -13.60 -10.66 27.33
CA VAL A 630 -13.82 -10.24 28.72
C VAL A 630 -14.66 -8.97 28.70
N VAL A 631 -14.23 -8.01 27.87
CA VAL A 631 -14.80 -6.71 27.99
C VAL A 631 -16.28 -6.68 27.50
N ASN A 632 -16.54 -7.27 26.33
CA ASN A 632 -17.90 -7.19 25.75
C ASN A 632 -18.92 -8.00 26.55
N HIS A 633 -18.48 -8.86 27.45
CA HIS A 633 -19.47 -9.63 28.23
C HIS A 633 -19.65 -9.19 29.68
N ASP A 634 -18.89 -8.19 30.12
CA ASP A 634 -19.04 -7.62 31.47
C ASP A 634 -20.32 -6.77 31.61
N PRO A 635 -21.28 -7.22 32.45
CA PRO A 635 -22.52 -6.38 32.54
C PRO A 635 -22.28 -4.98 33.14
N VAL A 636 -21.32 -4.87 34.03
CA VAL A 636 -20.97 -3.59 34.64
C VAL A 636 -20.54 -2.57 33.58
N VAL A 637 -19.94 -3.04 32.49
CA VAL A 637 -19.39 -2.18 31.44
C VAL A 637 -20.51 -1.50 30.64
N GLY A 638 -21.57 -2.27 30.35
CA GLY A 638 -22.76 -1.75 29.72
C GLY A 638 -22.35 -1.64 28.28
N ASP A 639 -22.77 -0.57 27.62
CA ASP A 639 -22.20 -0.29 26.33
C ASP A 639 -21.22 0.88 26.37
N ARG A 640 -20.44 0.94 27.44
CA ARG A 640 -19.50 2.04 27.58
C ARG A 640 -18.21 1.76 26.82
N LEU A 641 -17.87 0.46 26.74
CA LEU A 641 -16.64 0.03 26.10
C LEU A 641 -16.87 -1.24 25.31
N ARG A 642 -16.66 -1.16 24.02
CA ARG A 642 -16.66 -2.38 23.20
C ARG A 642 -15.35 -2.58 22.52
N VAL A 643 -14.88 -3.82 22.47
CA VAL A 643 -13.67 -4.11 21.69
C VAL A 643 -13.91 -5.09 20.54
N ILE A 644 -13.74 -4.59 19.32
CA ILE A 644 -14.10 -5.30 18.13
C ILE A 644 -12.87 -5.48 17.32
N PHE A 645 -12.57 -6.74 16.96
CA PHE A 645 -11.52 -7.04 16.01
C PHE A 645 -12.15 -7.19 14.65
N LEU A 646 -11.75 -6.34 13.72
CA LEU A 646 -12.37 -6.36 12.39
C LEU A 646 -11.69 -7.34 11.47
N GLU A 647 -12.41 -8.40 11.13
CA GLU A 647 -11.88 -9.57 10.39
C GLU A 647 -11.60 -9.22 8.95
N ASN A 648 -10.60 -9.81 8.32
CA ASN A 648 -10.21 -9.61 6.90
C ASN A 648 -10.01 -8.17 6.37
N TYR A 649 -9.30 -7.33 7.10
CA TYR A 649 -8.99 -5.99 6.66
C TYR A 649 -8.32 -5.96 5.31
N ARG A 650 -8.87 -5.17 4.37
CA ARG A 650 -8.46 -5.20 2.96
C ARG A 650 -8.91 -3.88 2.47
N VAL A 651 -8.59 -3.55 1.21
CA VAL A 651 -8.97 -2.23 0.64
C VAL A 651 -10.47 -1.97 0.75
N SER A 652 -11.26 -2.97 0.40
CA SER A 652 -12.70 -2.66 0.35
C SER A 652 -13.34 -2.49 1.75
N LEU A 653 -12.76 -3.08 2.80
CA LEU A 653 -13.17 -2.82 4.18
C LEU A 653 -12.61 -1.45 4.66
N ALA A 654 -11.42 -1.05 4.20
CA ALA A 654 -10.95 0.35 4.49
C ALA A 654 -11.99 1.43 3.97
N GLU A 655 -12.56 1.17 2.81
CA GLU A 655 -13.50 2.07 2.26
C GLU A 655 -14.70 2.25 3.09
N LYS A 656 -14.98 1.30 3.99
CA LYS A 656 -16.20 1.34 4.83
C LYS A 656 -15.91 1.84 6.22
N VAL A 657 -14.82 1.46 6.81
CA VAL A 657 -14.57 1.81 8.18
C VAL A 657 -13.94 3.18 8.26
N ILE A 658 -13.11 3.54 7.31
CA ILE A 658 -12.42 4.83 7.43
C ILE A 658 -13.38 6.03 7.45
N PRO A 659 -14.35 6.08 6.54
CA PRO A 659 -15.37 7.16 6.68
C PRO A 659 -16.13 7.17 7.99
N ALA A 660 -16.27 6.01 8.62
CA ALA A 660 -16.91 5.90 9.89
C ALA A 660 -16.06 6.29 11.10
N ALA A 661 -14.73 6.43 11.00
CA ALA A 661 -13.86 6.68 12.19
C ALA A 661 -13.94 8.07 12.80
N ASP A 662 -13.85 8.15 14.12
CA ASP A 662 -13.76 9.41 14.83
C ASP A 662 -12.31 9.68 15.19
N LEU A 663 -11.62 8.66 15.73
CA LEU A 663 -10.21 8.72 16.20
C LEU A 663 -9.33 7.73 15.38
N SER A 664 -8.28 8.25 14.75
CA SER A 664 -7.31 7.47 13.99
C SER A 664 -6.07 7.21 14.87
N GLU A 665 -5.70 5.95 14.99
CA GLU A 665 -4.59 5.53 15.87
C GLU A 665 -3.36 5.27 15.02
N GLN A 666 -2.34 6.13 15.18
CA GLN A 666 -1.10 6.08 14.37
C GLN A 666 0.10 6.14 15.32
N ILE A 667 0.40 4.99 15.94
CA ILE A 667 1.04 5.00 17.28
C ILE A 667 2.35 4.18 17.31
N SER A 668 2.99 4.07 16.14
CA SER A 668 4.30 3.46 15.97
C SER A 668 5.34 4.24 16.75
N THR A 669 6.39 3.53 17.16
CA THR A 669 7.54 4.12 17.87
C THR A 669 8.15 5.07 16.88
N ALA A 670 8.50 6.28 17.36
CA ALA A 670 9.16 7.30 16.54
C ALA A 670 10.38 6.71 15.82
N GLY A 671 10.36 6.83 14.49
CA GLY A 671 11.50 6.41 13.66
C GLY A 671 11.32 5.07 12.98
N THR A 672 10.16 4.43 13.15
CA THR A 672 9.97 3.11 12.60
C THR A 672 8.98 3.10 11.48
N GLU A 673 7.93 3.96 11.49
CA GLU A 673 6.97 3.95 10.36
C GLU A 673 7.46 4.93 9.22
N ALA A 674 7.91 4.39 8.07
CA ALA A 674 8.58 5.22 7.03
C ALA A 674 7.78 6.47 6.67
N SER A 675 6.51 6.24 6.33
CA SER A 675 5.59 7.26 6.14
C SER A 675 4.27 6.99 6.84
N GLY A 676 3.66 5.81 6.53
CA GLY A 676 2.25 5.61 6.68
C GLY A 676 1.35 6.28 5.65
N THR A 677 0.23 5.66 5.30
CA THR A 677 -0.73 6.32 4.46
C THR A 677 -2.16 6.18 4.97
N GLY A 678 -2.40 5.18 5.83
CA GLY A 678 -3.70 5.07 6.49
C GLY A 678 -3.96 6.43 7.17
N ASN A 679 -2.92 6.97 7.85
CA ASN A 679 -3.00 8.26 8.52
C ASN A 679 -3.69 9.34 7.64
N MET A 680 -3.17 9.51 6.42
CA MET A 680 -3.77 10.42 5.46
C MET A 680 -5.22 10.05 5.13
N LYS A 681 -5.54 8.76 5.01
CA LYS A 681 -6.90 8.43 4.63
C LYS A 681 -7.86 9.00 5.62
N PHE A 682 -7.54 8.91 6.90
CA PHE A 682 -8.42 9.31 7.95
C PHE A 682 -8.47 10.81 8.09
N MET A 683 -7.33 11.51 7.88
CA MET A 683 -7.40 12.98 7.94
C MET A 683 -8.39 13.47 6.89
N LEU A 684 -8.45 12.79 5.74
CA LEU A 684 -9.27 13.23 4.66
C LEU A 684 -10.80 13.08 4.97
N ASN A 685 -11.09 12.11 5.86
CA ASN A 685 -12.41 11.62 6.08
C ASN A 685 -13.09 11.97 7.44
N GLY A 686 -12.50 12.93 8.16
CA GLY A 686 -13.19 13.48 9.31
C GLY A 686 -12.90 12.77 10.65
N ALA A 687 -11.75 12.10 10.74
CA ALA A 687 -11.29 11.57 12.01
C ALA A 687 -10.19 12.45 12.55
N LEU A 688 -10.15 12.63 13.88
CA LEU A 688 -8.98 13.25 14.56
C LEU A 688 -7.89 12.21 14.70
N THR A 689 -6.63 12.60 14.88
CA THR A 689 -5.53 11.66 14.94
C THR A 689 -4.86 11.64 16.30
N ILE A 690 -4.69 10.47 16.92
CA ILE A 690 -3.80 10.41 18.09
C ILE A 690 -2.59 9.69 17.54
N GLY A 691 -1.42 10.30 17.61
CA GLY A 691 -0.24 9.69 16.99
C GLY A 691 1.04 10.21 17.60
N THR A 692 2.12 9.49 17.33
CA THR A 692 3.50 9.88 17.64
C THR A 692 4.07 10.75 16.51
N MET A 693 5.19 11.44 16.76
CA MET A 693 5.89 12.23 15.74
C MET A 693 6.75 11.27 14.87
N ASP A 694 6.06 10.45 14.09
CA ASP A 694 6.64 9.47 13.24
C ASP A 694 6.11 9.68 11.85
N GLY A 695 6.94 9.34 10.86
CA GLY A 695 6.47 9.21 9.45
C GLY A 695 5.79 10.44 8.98
N ALA A 696 4.72 10.30 8.23
CA ALA A 696 4.06 11.50 7.74
C ALA A 696 3.18 12.22 8.83
N ASN A 697 2.89 11.55 9.97
CA ASN A 697 2.20 12.27 11.09
C ASN A 697 2.90 13.62 11.33
N VAL A 698 4.24 13.67 11.24
CA VAL A 698 4.90 14.93 11.47
C VAL A 698 4.45 16.04 10.49
N GLU A 699 4.28 15.67 9.24
CA GLU A 699 3.80 16.67 8.25
C GLU A 699 2.36 16.93 8.32
N MET A 700 1.58 15.93 8.66
CA MET A 700 0.17 16.14 8.89
C MET A 700 -0.09 17.17 10.00
N ALA A 701 0.56 16.97 11.15
CA ALA A 701 0.52 17.94 12.28
C ALA A 701 1.00 19.33 11.91
N GLU A 702 2.06 19.42 11.12
CA GLU A 702 2.48 20.68 10.76
C GLU A 702 1.49 21.35 9.78
N GLU A 703 0.85 20.61 8.87
CA GLU A 703 -0.20 21.21 8.01
C GLU A 703 -1.44 21.62 8.81
N ALA A 704 -1.91 20.79 9.74
CA ALA A 704 -3.09 21.19 10.51
C ALA A 704 -2.85 22.17 11.72
N GLY A 705 -1.62 22.27 12.24
CA GLY A 705 -1.31 22.92 13.47
C GLY A 705 -1.32 21.86 14.54
N GLU A 706 -0.27 21.87 15.33
CA GLU A 706 -0.13 20.93 16.47
C GLU A 706 -1.24 20.91 17.49
N GLU A 707 -1.91 22.04 17.72
CA GLU A 707 -3.16 22.15 18.48
C GLU A 707 -4.32 21.31 17.94
N ASN A 708 -4.29 21.02 16.66
CA ASN A 708 -5.38 20.29 15.99
C ASN A 708 -5.14 18.79 15.86
N PHE A 709 -4.17 18.32 16.63
CA PHE A 709 -3.68 16.96 16.53
C PHE A 709 -3.39 16.42 17.91
N PHE A 710 -3.53 15.12 18.16
CA PHE A 710 -3.24 14.61 19.50
C PHE A 710 -1.87 13.93 19.50
N ILE A 711 -0.83 14.76 19.66
CA ILE A 711 0.55 14.31 19.62
C ILE A 711 0.99 13.86 20.98
N PHE A 712 1.56 12.69 21.07
CA PHE A 712 2.08 12.23 22.35
C PHE A 712 3.41 11.43 22.05
N GLY A 713 4.20 11.21 23.11
CA GLY A 713 5.26 10.18 23.14
C GLY A 713 6.63 10.71 22.81
N MET A 714 7.59 9.78 22.87
CA MET A 714 9.00 10.04 22.51
C MET A 714 9.07 10.61 21.11
N ARG A 715 9.95 11.57 20.90
CA ARG A 715 10.39 11.94 19.57
C ARG A 715 11.51 10.98 19.20
N VAL A 716 11.90 10.94 17.91
CA VAL A 716 13.09 10.22 17.41
C VAL A 716 14.26 10.37 18.38
N GLU A 717 14.53 11.63 18.78
CA GLU A 717 15.68 12.03 19.63
C GLU A 717 15.63 11.32 21.00
N ASP A 718 14.41 11.09 21.49
CA ASP A 718 14.14 10.54 22.84
C ASP A 718 14.40 9.06 22.87
N VAL A 719 14.14 8.40 21.74
CA VAL A 719 14.30 6.99 21.56
C VAL A 719 15.77 6.70 21.54
N ASP A 720 16.51 7.49 20.78
CA ASP A 720 17.95 7.45 20.81
C ASP A 720 18.59 7.68 22.15
N ARG A 721 18.08 8.59 22.99
CA ARG A 721 18.64 8.83 24.33
C ARG A 721 18.44 7.55 25.13
N LEU A 722 17.28 6.91 24.95
CA LEU A 722 16.95 5.68 25.64
C LEU A 722 17.82 4.49 25.25
N ASP A 723 18.18 4.44 23.98
CA ASP A 723 19.02 3.38 23.45
C ASP A 723 20.42 3.49 24.03
N GLN A 724 20.92 4.72 24.24
CA GLN A 724 22.23 4.89 24.83
C GLN A 724 22.36 4.50 26.26
N ARG A 725 21.39 4.76 27.12
CA ARG A 725 21.54 4.28 28.48
C ARG A 725 21.01 2.90 28.65
N GLY A 726 20.13 2.46 27.74
CA GLY A 726 19.56 1.10 27.78
C GLY A 726 18.09 1.08 28.17
N TYR A 727 17.25 0.37 27.42
CA TYR A 727 15.83 0.39 27.74
C TYR A 727 15.58 -0.66 28.80
N ASN A 728 15.10 -0.21 29.96
CA ASN A 728 14.75 -1.12 31.00
C ASN A 728 13.26 -0.99 31.27
N ALA A 729 12.51 -1.99 30.80
CA ALA A 729 11.08 -2.02 30.93
C ALA A 729 10.66 -2.18 32.36
N GLN A 730 11.50 -2.84 33.17
CA GLN A 730 11.20 -3.06 34.62
C GLN A 730 10.87 -1.72 35.37
N GLU A 731 11.67 -0.69 35.09
CA GLU A 731 11.53 0.64 35.66
C GLU A 731 10.09 1.25 35.54
N TYR A 732 9.44 1.00 34.37
CA TYR A 732 8.08 1.43 34.11
C TYR A 732 7.11 0.57 34.87
N TYR A 733 7.36 -0.72 34.88
CA TYR A 733 6.53 -1.63 35.67
C TYR A 733 6.57 -1.29 37.17
N ASP A 734 7.74 -0.90 37.72
CA ASP A 734 7.76 -0.48 39.16
C ASP A 734 7.12 0.90 39.41
N ARG A 735 7.23 1.85 38.50
CA ARG A 735 6.79 3.17 38.75
C ARG A 735 5.34 3.39 38.47
N ILE A 736 4.73 2.56 37.61
CA ILE A 736 3.34 2.84 37.18
C ILE A 736 2.42 1.73 37.66
N PRO A 737 1.72 1.93 38.81
CA PRO A 737 0.81 0.90 39.35
C PRO A 737 -0.24 0.39 38.34
N GLU A 738 -0.80 1.28 37.49
CA GLU A 738 -1.84 0.93 36.52
C GLU A 738 -1.25 0.02 35.48
N LEU A 739 -0.03 0.28 35.03
CA LEU A 739 0.70 -0.69 34.18
C LEU A 739 1.00 -2.03 34.86
N ARG A 740 1.37 -2.00 36.11
CA ARG A 740 1.70 -3.24 36.83
C ARG A 740 0.47 -4.17 36.97
N GLN A 741 -0.71 -3.63 37.36
CA GLN A 741 -1.95 -4.39 37.37
C GLN A 741 -2.25 -5.10 36.01
N ILE A 742 -1.96 -4.42 34.92
CA ILE A 742 -2.27 -5.01 33.60
C ILE A 742 -1.37 -6.21 33.29
N ILE A 743 -0.07 -6.08 33.60
CA ILE A 743 0.88 -7.14 33.40
C ILE A 743 0.46 -8.31 34.29
N GLU A 744 0.10 -8.04 35.54
CA GLU A 744 -0.32 -9.09 36.44
C GLU A 744 -1.57 -9.79 35.87
N GLN A 745 -2.45 -9.07 35.18
CA GLN A 745 -3.67 -9.65 34.75
C GLN A 745 -3.34 -10.56 33.60
N LEU A 746 -2.59 -10.04 32.60
CA LEU A 746 -2.06 -10.83 31.48
C LEU A 746 -1.36 -12.12 31.92
N SER A 747 -0.43 -11.99 32.85
CA SER A 747 0.27 -13.13 33.51
C SER A 747 -0.62 -14.19 34.17
N SER A 748 -1.57 -13.76 34.97
CA SER A 748 -2.22 -14.69 35.87
C SER A 748 -3.40 -15.40 35.20
N GLY A 749 -3.70 -15.08 33.95
CA GLY A 749 -4.85 -15.67 33.29
C GLY A 749 -6.18 -14.95 33.40
N PHE A 750 -6.20 -13.66 33.80
CA PHE A 750 -7.42 -12.92 33.75
C PHE A 750 -8.10 -12.99 32.39
N PHE A 751 -7.31 -12.84 31.34
CA PHE A 751 -7.82 -12.87 29.97
C PHE A 751 -7.88 -14.22 29.25
N SER A 752 -7.39 -15.28 29.88
CA SER A 752 -7.40 -16.62 29.29
C SER A 752 -7.61 -17.63 30.42
N PRO A 753 -8.86 -17.73 30.95
CA PRO A 753 -8.95 -18.50 32.22
C PRO A 753 -8.74 -20.00 32.03
N LYS A 754 -9.02 -20.53 30.84
CA LYS A 754 -8.72 -21.94 30.58
C LYS A 754 -7.24 -22.21 30.30
N GLN A 755 -6.51 -21.36 29.57
CA GLN A 755 -5.05 -21.52 29.53
C GLN A 755 -4.40 -20.37 30.24
N PRO A 756 -4.27 -20.41 31.58
CA PRO A 756 -3.71 -19.24 32.30
C PRO A 756 -2.34 -18.66 31.79
N ASP A 757 -1.54 -19.47 31.11
CA ASP A 757 -0.22 -19.01 30.67
C ASP A 757 -0.19 -18.70 29.15
N LEU A 758 -1.36 -18.58 28.54
CA LEU A 758 -1.45 -18.41 27.13
C LEU A 758 -0.62 -17.20 26.61
N PHE A 759 -0.54 -16.14 27.42
CA PHE A 759 0.13 -14.88 27.00
C PHE A 759 1.56 -14.69 27.54
N LYS A 760 2.23 -15.79 27.87
CA LYS A 760 3.54 -15.67 28.49
C LYS A 760 4.52 -15.13 27.52
N ASP A 761 4.33 -15.36 26.22
CA ASP A 761 5.32 -14.84 25.32
C ASP A 761 5.23 -13.35 25.18
N ILE A 762 4.00 -12.82 25.15
CA ILE A 762 3.70 -11.39 25.12
C ILE A 762 4.27 -10.68 26.37
N VAL A 763 3.91 -11.12 27.58
CA VAL A 763 4.43 -10.54 28.81
C VAL A 763 5.95 -10.48 28.79
N ASN A 764 6.56 -11.60 28.41
CA ASN A 764 7.98 -11.74 28.32
C ASN A 764 8.68 -10.81 27.40
N MET A 765 8.12 -10.61 26.23
CA MET A 765 8.69 -9.73 25.29
C MET A 765 8.64 -8.30 25.84
N LEU A 766 7.46 -7.90 26.29
CA LEU A 766 7.24 -6.60 26.88
C LEU A 766 8.21 -6.26 28.02
N MET A 767 8.53 -7.25 28.87
CA MET A 767 9.44 -7.06 30.01
C MET A 767 10.94 -7.10 29.69
N HIS A 768 11.37 -7.95 28.73
CA HIS A 768 12.81 -8.21 28.52
C HIS A 768 13.33 -7.94 27.13
N HIS A 769 12.49 -7.99 26.08
CA HIS A 769 13.01 -7.97 24.72
CA HIS A 769 13.02 -7.92 24.72
C HIS A 769 12.15 -7.07 23.76
N ASP A 770 11.64 -5.94 24.27
CA ASP A 770 10.76 -5.08 23.48
C ASP A 770 11.58 -4.08 22.59
N ARG A 771 11.79 -4.38 21.30
CA ARG A 771 12.53 -3.42 20.49
C ARG A 771 11.78 -2.11 20.35
N PHE A 772 10.49 -2.07 20.72
CA PHE A 772 9.67 -0.89 20.38
C PHE A 772 9.14 -0.05 21.57
N LYS A 773 9.68 -0.33 22.78
CA LYS A 773 9.54 0.59 23.91
C LYS A 773 8.06 0.96 24.23
N VAL A 774 7.20 -0.07 24.22
CA VAL A 774 5.77 0.05 24.49
C VAL A 774 5.54 0.67 25.84
N PHE A 775 6.21 0.24 26.90
CA PHE A 775 6.04 0.88 28.18
C PHE A 775 6.55 2.33 28.16
N ALA A 776 7.60 2.64 27.41
CA ALA A 776 8.12 4.05 27.46
C ALA A 776 7.01 5.10 27.12
N ASP A 777 6.08 4.66 26.28
CA ASP A 777 5.13 5.59 25.74
C ASP A 777 3.76 5.53 26.43
N TYR A 778 3.58 4.60 27.37
CA TYR A 778 2.33 4.21 27.89
C TYR A 778 1.69 5.39 28.64
N GLU A 779 2.40 5.90 29.64
CA GLU A 779 1.91 6.94 30.49
C GLU A 779 1.46 8.20 29.72
N GLU A 780 2.27 8.75 28.83
CA GLU A 780 1.86 9.85 27.94
C GLU A 780 0.67 9.58 26.97
N TYR A 781 0.55 8.33 26.50
CA TYR A 781 -0.55 7.84 25.69
C TYR A 781 -1.92 7.84 26.40
N VAL A 782 -1.96 7.29 27.62
CA VAL A 782 -3.16 7.31 28.44
C VAL A 782 -3.64 8.75 28.75
N LYS A 783 -2.75 9.65 29.16
CA LYS A 783 -3.03 11.05 29.32
C LYS A 783 -3.58 11.71 28.06
N CYS A 784 -2.94 11.47 26.92
CA CYS A 784 -3.38 12.02 25.67
C CYS A 784 -4.78 11.48 25.28
N GLN A 785 -5.03 10.17 25.46
CA GLN A 785 -6.34 9.55 25.32
C GLN A 785 -7.43 10.20 26.21
N GLU A 786 -7.09 10.65 27.43
CA GLU A 786 -8.01 11.47 28.25
C GLU A 786 -8.35 12.84 27.59
N ARG A 787 -7.39 13.47 26.91
CA ARG A 787 -7.68 14.74 26.25
C ARG A 787 -8.67 14.57 25.03
N VAL A 788 -8.61 13.44 24.37
CA VAL A 788 -9.48 13.11 23.26
C VAL A 788 -10.92 12.96 23.79
N SER A 789 -11.07 12.26 24.92
CA SER A 789 -12.39 12.02 25.50
C SER A 789 -13.02 13.32 25.95
N ALA A 790 -12.20 14.25 26.42
CA ALA A 790 -12.63 15.57 26.94
C ALA A 790 -13.13 16.27 25.73
N LEU A 791 -12.43 16.27 24.61
CA LEU A 791 -12.94 17.02 23.45
C LEU A 791 -14.16 16.33 22.83
N TYR A 792 -14.28 14.99 22.91
CA TYR A 792 -15.45 14.33 22.35
C TYR A 792 -16.75 14.77 23.03
N LYS A 793 -16.68 15.07 24.34
CA LYS A 793 -17.76 15.65 25.17
C LYS A 793 -18.31 16.96 24.60
N ASN A 794 -17.50 17.72 23.85
CA ASN A 794 -17.99 18.95 23.21
C ASN A 794 -18.12 18.81 21.66
N PRO A 795 -19.23 18.18 21.15
CA PRO A 795 -19.44 17.96 19.70
C PRO A 795 -19.04 19.11 18.78
N ARG A 796 -19.36 20.35 19.15
CA ARG A 796 -19.12 21.53 18.31
C ARG A 796 -17.62 21.79 18.12
N GLU A 797 -16.88 21.66 19.21
CA GLU A 797 -15.48 21.82 19.14
C GLU A 797 -14.74 20.59 18.56
N TRP A 798 -15.26 19.39 18.79
CA TRP A 798 -14.69 18.24 18.14
C TRP A 798 -14.78 18.54 16.62
N THR A 799 -15.94 18.97 16.21
CA THR A 799 -16.15 19.12 14.78
C THR A 799 -15.37 20.31 14.15
N ARG A 800 -15.13 21.38 14.93
CA ARG A 800 -14.35 22.52 14.38
C ARG A 800 -12.92 22.08 14.14
N MET A 801 -12.44 21.22 15.02
CA MET A 801 -11.14 20.70 14.88
C MET A 801 -11.05 19.72 13.66
N VAL A 802 -12.13 18.89 13.47
CA VAL A 802 -12.26 17.98 12.33
C VAL A 802 -12.18 18.81 11.09
N ILE A 803 -12.97 19.90 11.06
CA ILE A 803 -12.92 20.82 9.92
C ILE A 803 -11.48 21.33 9.64
N ARG A 804 -10.73 21.62 10.70
CA ARG A 804 -9.38 22.18 10.54
C ARG A 804 -8.44 21.12 9.89
N ASN A 805 -8.77 19.83 10.09
CA ASN A 805 -7.96 18.72 9.61
C ASN A 805 -8.30 18.53 8.13
N ILE A 806 -9.60 18.34 7.82
CA ILE A 806 -10.02 18.08 6.49
C ILE A 806 -9.56 19.24 5.61
N ALA A 807 -9.67 20.44 6.13
CA ALA A 807 -9.25 21.62 5.42
C ALA A 807 -7.78 21.68 5.05
N THR A 808 -6.89 21.07 5.81
CA THR A 808 -5.47 21.13 5.52
C THR A 808 -4.92 19.79 5.05
N SER A 809 -5.80 18.94 4.53
CA SER A 809 -5.29 17.64 4.12
C SER A 809 -4.81 17.63 2.65
N GLY A 810 -4.93 18.80 2.00
CA GLY A 810 -4.56 18.94 0.62
C GLY A 810 -3.19 18.37 0.30
N LYS A 811 -2.18 18.68 1.10
CA LYS A 811 -0.82 18.20 0.76
C LYS A 811 -0.73 16.67 0.49
N PHE A 812 -1.63 15.91 1.05
CA PHE A 812 -1.42 14.47 1.11
C PHE A 812 -2.14 13.82 -0.03
N SER A 813 -2.43 14.64 -1.03
CA SER A 813 -2.93 14.05 -2.25
C SER A 813 -1.77 13.41 -3.02
N SER A 814 -1.95 12.19 -3.42
CA SER A 814 -0.98 11.60 -4.35
C SER A 814 -0.81 12.37 -5.67
N ASP A 815 -1.64 13.37 -5.96
CA ASP A 815 -1.37 14.19 -7.19
C ASP A 815 -0.22 15.12 -7.00
N ARG A 816 -0.15 15.72 -5.81
CA ARG A 816 1.03 16.45 -5.33
C ARG A 816 2.31 15.57 -5.41
N THR A 817 2.25 14.33 -4.89
CA THR A 817 3.41 13.49 -4.84
C THR A 817 3.88 13.18 -6.23
N ILE A 818 2.94 12.83 -7.14
CA ILE A 818 3.34 12.41 -8.48
C ILE A 818 3.88 13.62 -9.27
N ALA A 819 3.27 14.78 -9.09
CA ALA A 819 3.75 15.98 -9.81
C ALA A 819 5.16 16.23 -9.34
N GLN A 820 5.49 15.90 -8.07
CA GLN A 820 6.90 16.07 -7.59
C GLN A 820 7.85 15.05 -8.16
N TYR A 821 7.46 13.76 -8.24
CA TYR A 821 8.26 12.80 -8.96
C TYR A 821 8.53 13.23 -10.44
N ALA A 822 7.45 13.62 -11.13
CA ALA A 822 7.49 14.03 -12.53
C ALA A 822 8.49 15.18 -12.79
N ARG A 823 8.43 16.25 -11.99
CA ARG A 823 9.35 17.38 -12.16
C ARG A 823 10.78 17.15 -11.64
N GLU A 824 10.95 16.42 -10.52
CA GLU A 824 12.25 16.40 -9.83
C GLU A 824 13.01 15.09 -10.04
N ILE A 825 12.32 14.05 -10.53
CA ILE A 825 13.03 12.87 -10.90
C ILE A 825 12.92 12.45 -12.37
N TRP A 826 11.73 12.53 -12.96
CA TRP A 826 11.48 11.87 -14.23
C TRP A 826 11.77 12.84 -15.37
N GLY A 827 11.72 14.17 -15.07
CA GLY A 827 11.90 15.21 -16.03
C GLY A 827 10.76 15.39 -17.02
N VAL A 828 9.53 15.36 -16.54
CA VAL A 828 8.30 15.28 -17.38
C VAL A 828 7.31 16.34 -16.83
N GLU A 829 6.54 17.02 -17.67
CA GLU A 829 5.62 18.08 -17.18
C GLU A 829 4.24 17.41 -16.99
N PRO A 830 3.62 17.45 -15.81
CA PRO A 830 2.22 16.93 -15.80
C PRO A 830 1.27 17.85 -16.55
N SER A 831 0.23 17.35 -17.21
CA SER A 831 -0.82 18.32 -17.65
C SER A 831 -2.16 17.88 -17.13
N ARG A 832 -3.11 18.81 -17.00
CA ARG A 832 -4.48 18.48 -16.59
C ARG A 832 -5.46 18.48 -17.82
N GLN A 833 -4.96 18.86 -19.01
CA GLN A 833 -5.73 18.91 -20.27
C GLN A 833 -6.31 17.57 -20.82
N ARG A 834 -7.65 17.51 -20.93
CA ARG A 834 -8.42 16.40 -21.48
C ARG A 834 -7.93 15.99 -22.87
N LEU A 835 -7.70 14.69 -23.11
CA LEU A 835 -7.72 14.17 -24.48
C LEU A 835 -9.17 14.22 -25.01
N PRO A 836 -9.38 14.30 -26.36
CA PRO A 836 -10.78 14.32 -26.90
C PRO A 836 -11.55 13.00 -26.71
N ALA A 837 -12.88 13.13 -26.60
CA ALA A 837 -13.80 12.06 -26.09
C ALA A 837 -14.04 10.80 -27.00
N1 PLP B . -3.78 -1.68 4.07
C2 PLP B . -4.85 -1.19 3.42
C2A PLP B . -5.91 -2.15 3.06
C3 PLP B . -4.92 0.25 3.10
O3 PLP B . -6.04 0.79 2.45
C4 PLP B . -3.85 1.07 3.61
C4A PLP B . -3.83 2.58 3.35
C5 PLP B . -2.75 0.41 4.32
C6 PLP B . -2.74 -0.96 4.53
C5A PLP B . -1.54 1.17 4.87
O4P PLP B . -1.97 1.56 6.11
P PLP B . -0.91 2.11 7.20
O1P PLP B . -1.78 2.62 8.28
O2P PLP B . -0.06 0.89 7.64
O3P PLP B . -0.09 3.21 6.51
N2' 9L8 C . 5.97 0.59 6.25
C2' 9L8 C . 5.96 1.49 5.04
C3' 9L8 C . 5.00 2.65 5.20
O3' 9L8 C . 5.36 3.56 6.31
C4' 9L8 C . 4.87 3.42 3.95
O4' 9L8 C . 3.81 4.34 4.21
C5' 9L8 C . 4.48 2.53 2.73
C6' 9L8 C . 4.52 3.26 1.36
O6' 9L8 C . 5.69 4.02 1.20
O5' 9L8 C . 5.38 1.40 2.57
C1' 9L8 C . 5.54 0.64 3.80
C1 9L8 C . 6.52 -0.46 3.52
N5 9L8 C . 6.20 -1.68 3.07
C4 9L8 C . 7.34 -2.39 2.96
C6 9L8 C . 7.51 -3.85 2.46
C7 9L8 C . 8.81 -4.41 2.51
C8 9L8 C . 9.00 -5.75 2.00
C9 9L8 C . 7.93 -6.45 1.44
C15 9L8 C . 8.15 -7.76 0.94
C14 9L8 C . 9.43 -8.33 1.01
C13 9L8 C . 10.53 -7.64 1.57
C12 9L8 C . 10.33 -6.33 2.07
C10 9L8 C . 6.62 -5.87 1.37
C11 9L8 C . 6.42 -4.56 1.89
N3 9L8 C . 8.33 -1.57 3.23
N2 9L8 C . 7.83 -0.39 3.59
#